data_7EE4
#
_entry.id   7EE4
#
_cell.length_a   189.447
_cell.length_b   189.447
_cell.length_c   41.526
_cell.angle_alpha   90.000
_cell.angle_beta   90.000
_cell.angle_gamma   120.000
#
_symmetry.space_group_name_H-M   'H 3'
#
loop_
_entity.id
_entity.type
_entity.pdbx_description
1 polymer 'Subtilase cytotoxin subunit B-like protein'
2 branched 'N-acetyl-alpha-neuraminic acid-(2-3)-beta-D-galactopyranose-(1-4)-alpha-D-glucopyranose'
3 branched 'N-acetyl-alpha-neuraminic acid-(2-3)-beta-D-galactopyranose'
4 non-polymer 'TETRAETHYLENE GLYCOL'
5 non-polymer 'N-acetyl-alpha-neuraminic acid'
6 water water
#
_entity_poly.entity_id   1
_entity_poly.type   'polypeptide(L)'
_entity_poly.pdbx_seq_one_letter_code
;AMADYDTYVSNVQINNLSYGVYTSGGKETQFFCIGLKHGSEAISINAMCKVDVYGNHKQGFDNMLNTAKYYYTTGGDVRI
YYKENVWRDPDFKSAFSSRELIAITTCSSSSYCMGPTVTNLESD
;
_entity_poly.pdbx_strand_id   A,B,C,D,E
#
loop_
_chem_comp.id
_chem_comp.type
_chem_comp.name
_chem_comp.formula
GAL D-saccharide, beta linking beta-D-galactopyranose 'C6 H12 O6'
GLC D-saccharide, alpha linking alpha-D-glucopyranose 'C6 H12 O6'
PG4 non-polymer 'TETRAETHYLENE GLYCOL' 'C8 H18 O5'
SIA D-saccharide, alpha linking 'N-acetyl-alpha-neuraminic acid' 'C11 H19 N O9'
#
# COMPACT_ATOMS: atom_id res chain seq x y z
N ALA A 1 -26.74 -8.50 -20.35
CA ALA A 1 -26.13 -8.52 -19.01
C ALA A 1 -24.63 -8.59 -19.15
N MET A 2 -23.95 -8.23 -18.08
CA MET A 2 -22.47 -8.25 -18.06
C MET A 2 -22.00 -9.71 -18.02
N ALA A 3 -21.18 -10.10 -19.00
CA ALA A 3 -20.60 -11.43 -19.04
C ALA A 3 -19.82 -11.69 -17.75
N ASP A 4 -20.07 -12.86 -17.17
CA ASP A 4 -19.38 -13.35 -15.97
C ASP A 4 -19.90 -12.70 -14.69
N TYR A 5 -21.04 -12.00 -14.73
CA TYR A 5 -21.65 -11.36 -13.56
C TYR A 5 -22.96 -12.00 -13.14
N ASP A 6 -23.28 -13.19 -13.64
CA ASP A 6 -24.58 -13.80 -13.37
C ASP A 6 -24.61 -14.63 -12.12
N THR A 7 -23.46 -14.98 -11.55
CA THR A 7 -23.40 -15.90 -10.40
C THR A 7 -22.76 -15.19 -9.20
N TYR A 8 -23.55 -15.04 -8.14
CA TYR A 8 -23.05 -14.26 -7.01
C TYR A 8 -23.74 -14.73 -5.73
N VAL A 9 -23.13 -14.34 -4.58
CA VAL A 9 -23.75 -14.52 -3.26
C VAL A 9 -23.69 -13.15 -2.56
N SER A 10 -24.78 -12.79 -1.90
CA SER A 10 -24.98 -11.42 -1.38
C SER A 10 -25.05 -11.40 0.16
N ASN A 11 -24.67 -10.22 0.74
CA ASN A 11 -24.76 -10.03 2.19
C ASN A 11 -23.98 -11.10 2.93
N VAL A 12 -22.79 -11.36 2.41
CA VAL A 12 -21.84 -12.24 3.05
C VAL A 12 -20.73 -11.39 3.66
N GLN A 13 -19.92 -12.01 4.52
CA GLN A 13 -18.70 -11.37 5.02
C GLN A 13 -17.51 -12.25 4.73
N ILE A 14 -16.38 -11.64 4.39
CA ILE A 14 -15.15 -12.38 4.22
C ILE A 14 -14.61 -12.65 5.61
N ASN A 15 -14.66 -13.90 6.06
CA ASN A 15 -14.24 -14.26 7.42
C ASN A 15 -12.99 -15.12 7.42
N ASN A 16 -12.36 -15.37 6.28
CA ASN A 16 -11.07 -16.07 6.22
C ASN A 16 -10.39 -15.65 4.94
N LEU A 17 -9.07 -15.77 4.89
CA LEU A 17 -8.29 -15.44 3.72
CA LEU A 17 -8.27 -15.43 3.73
C LEU A 17 -7.10 -16.37 3.64
N SER A 18 -6.71 -16.76 2.44
CA SER A 18 -5.48 -17.51 2.21
C SER A 18 -4.69 -16.80 1.14
N TYR A 19 -3.38 -16.76 1.24
CA TYR A 19 -2.49 -16.26 0.20
C TYR A 19 -1.30 -17.19 0.13
N GLY A 20 -0.92 -17.62 -1.04
CA GLY A 20 0.26 -18.48 -1.13
C GLY A 20 0.83 -18.54 -2.51
N VAL A 21 1.97 -19.22 -2.57
CA VAL A 21 2.69 -19.49 -3.82
C VAL A 21 2.71 -20.99 -4.05
N TYR A 22 2.64 -21.37 -5.32
CA TYR A 22 2.35 -22.76 -5.63
C TYR A 22 2.67 -23.05 -7.10
N THR A 23 3.24 -24.21 -7.36
CA THR A 23 3.47 -24.63 -8.75
C THR A 23 2.26 -25.42 -9.23
N SER A 24 1.64 -24.96 -10.31
CA SER A 24 0.42 -25.62 -10.81
C SER A 24 0.56 -25.79 -12.31
N GLY A 25 0.45 -27.04 -12.78
CA GLY A 25 0.57 -27.29 -14.22
C GLY A 25 1.87 -26.77 -14.81
N GLY A 26 2.97 -26.86 -14.05
CA GLY A 26 4.25 -26.41 -14.58
C GLY A 26 4.49 -24.92 -14.57
N LYS A 27 3.60 -24.12 -13.98
CA LYS A 27 3.83 -22.70 -13.96
C LYS A 27 3.96 -22.30 -12.48
N GLU A 28 4.75 -21.24 -12.22
CA GLU A 28 4.88 -20.71 -10.87
C GLU A 28 3.76 -19.72 -10.62
N THR A 29 2.86 -19.99 -9.66
CA THR A 29 1.70 -19.11 -9.50
C THR A 29 1.73 -18.45 -8.09
N GLN A 30 0.99 -17.36 -7.94
CA GLN A 30 0.48 -16.83 -6.70
C GLN A 30 -1.01 -17.10 -6.73
N PHE A 31 -1.60 -17.27 -5.56
CA PHE A 31 -3.06 -17.31 -5.49
C PHE A 31 -3.50 -16.70 -4.19
N PHE A 32 -4.77 -16.31 -4.14
CA PHE A 32 -5.41 -16.07 -2.88
C PHE A 32 -6.82 -16.59 -2.94
N CYS A 33 -7.38 -16.89 -1.78
CA CYS A 33 -8.74 -17.38 -1.71
CA CYS A 33 -8.72 -17.45 -1.66
C CYS A 33 -9.44 -16.72 -0.55
N ILE A 34 -10.72 -16.48 -0.73
CA ILE A 34 -11.53 -15.85 0.31
C ILE A 34 -12.48 -16.90 0.88
N GLY A 35 -12.65 -16.89 2.20
CA GLY A 35 -13.63 -17.68 2.89
C GLY A 35 -14.77 -16.80 3.35
N LEU A 36 -15.99 -17.31 3.27
CA LEU A 36 -17.17 -16.52 3.53
C LEU A 36 -18.03 -17.10 4.65
N LYS A 37 -18.80 -16.20 5.27
CA LYS A 37 -19.93 -16.60 6.12
C LYS A 37 -21.12 -15.74 5.73
N HIS A 38 -22.30 -16.18 6.16
CA HIS A 38 -23.51 -15.38 5.91
C HIS A 38 -24.10 -14.94 7.23
N GLY A 39 -23.53 -13.85 7.75
CA GLY A 39 -23.91 -13.35 9.07
C GLY A 39 -23.63 -14.34 10.20
N SER A 40 -24.66 -14.90 10.79
CA SER A 40 -24.51 -15.87 11.87
C SER A 40 -24.47 -17.30 11.36
N GLU A 41 -24.61 -17.51 10.04
CA GLU A 41 -24.65 -18.89 9.58
C GLU A 41 -23.56 -19.16 8.56
N ALA A 42 -23.26 -20.44 8.39
CA ALA A 42 -22.33 -20.78 7.33
C ALA A 42 -22.98 -20.64 5.94
N ILE A 43 -22.15 -20.61 4.95
CA ILE A 43 -22.67 -20.64 3.57
C ILE A 43 -21.86 -21.73 2.86
N SER A 44 -22.56 -22.65 2.13
CA SER A 44 -21.74 -23.71 1.52
C SER A 44 -21.19 -23.36 0.15
N ILE A 45 -21.54 -22.20 -0.37
CA ILE A 45 -20.84 -21.66 -1.59
C ILE A 45 -19.70 -20.80 -1.03
N ASN A 46 -18.50 -21.30 -1.25
CA ASN A 46 -17.35 -20.68 -0.57
C ASN A 46 -16.02 -20.89 -1.28
N ALA A 47 -15.00 -20.31 -0.70
CA ALA A 47 -13.61 -20.50 -1.13
C ALA A 47 -13.44 -20.03 -2.58
N MET A 48 -13.73 -18.78 -2.85
CA MET A 48 -13.51 -18.29 -4.23
C MET A 48 -12.05 -17.85 -4.32
N CYS A 49 -11.39 -18.14 -5.42
CA CYS A 49 -9.94 -17.88 -5.52
C CYS A 49 -9.59 -17.11 -6.78
N LYS A 50 -8.43 -16.46 -6.73
CA LYS A 50 -7.88 -15.80 -7.89
C LYS A 50 -6.42 -16.20 -8.02
N VAL A 51 -5.95 -16.41 -9.22
CA VAL A 51 -4.63 -16.94 -9.51
C VAL A 51 -3.99 -15.95 -10.47
N ASP A 52 -2.71 -15.61 -10.26
CA ASP A 52 -2.12 -14.52 -11.06
C ASP A 52 -1.91 -14.91 -12.54
N VAL A 53 -1.64 -16.17 -12.85
CA VAL A 53 -1.24 -16.59 -14.21
C VAL A 53 -2.20 -17.57 -14.83
N TYR A 54 -3.34 -17.81 -14.19
CA TYR A 54 -4.39 -18.66 -14.75
C TYR A 54 -5.72 -17.97 -14.52
N GLY A 55 -6.69 -18.44 -15.29
CA GLY A 55 -8.06 -18.00 -15.12
C GLY A 55 -8.58 -17.29 -16.35
N ASN A 56 -9.87 -16.98 -16.28
CA ASN A 56 -10.53 -16.22 -17.34
C ASN A 56 -10.15 -14.75 -17.33
N HIS A 57 -9.75 -14.22 -16.18
CA HIS A 57 -9.39 -12.79 -16.10
C HIS A 57 -8.15 -12.74 -15.21
N LYS A 58 -6.98 -12.74 -15.80
CA LYS A 58 -5.75 -12.77 -15.02
C LYS A 58 -5.37 -11.41 -14.47
N GLN A 59 -5.92 -10.30 -15.05
CA GLN A 59 -5.60 -8.96 -14.55
C GLN A 59 -6.15 -8.76 -13.13
N GLY A 60 -5.63 -7.73 -12.45
CA GLY A 60 -6.19 -7.32 -11.18
C GLY A 60 -5.85 -8.19 -9.99
N PHE A 61 -4.81 -9.01 -10.10
CA PHE A 61 -4.45 -9.88 -8.95
C PHE A 61 -4.20 -9.07 -7.70
N ASP A 62 -3.31 -8.09 -7.77
CA ASP A 62 -2.95 -7.34 -6.58
C ASP A 62 -4.12 -6.50 -6.08
N ASN A 63 -4.86 -5.87 -7.01
CA ASN A 63 -5.99 -5.06 -6.56
C ASN A 63 -7.10 -5.91 -5.94
N MET A 64 -7.36 -7.10 -6.53
CA MET A 64 -8.36 -7.97 -5.89
C MET A 64 -7.88 -8.48 -4.54
N LEU A 65 -6.59 -8.82 -4.44
CA LEU A 65 -6.07 -9.27 -3.14
C LEU A 65 -6.22 -8.17 -2.07
N ASN A 66 -5.90 -6.92 -2.42
CA ASN A 66 -5.94 -5.84 -1.48
C ASN A 66 -7.37 -5.51 -1.09
N THR A 67 -8.28 -5.68 -2.04
CA THR A 67 -9.70 -5.47 -1.77
C THR A 67 -10.22 -6.57 -0.84
N ALA A 68 -9.88 -7.83 -1.12
CA ALA A 68 -10.27 -8.91 -0.20
C ALA A 68 -9.75 -8.68 1.21
N LYS A 69 -8.49 -8.27 1.32
CA LYS A 69 -7.90 -8.00 2.63
C LYS A 69 -8.64 -6.91 3.36
N TYR A 70 -9.05 -5.89 2.61
CA TYR A 70 -9.80 -4.79 3.19
C TYR A 70 -11.10 -5.25 3.85
N TYR A 71 -11.89 -6.06 3.10
CA TYR A 71 -13.16 -6.51 3.68
C TYR A 71 -12.98 -7.57 4.79
N TYR A 72 -11.91 -8.36 4.73
CA TYR A 72 -11.61 -9.20 5.88
C TYR A 72 -11.37 -8.33 7.12
N THR A 73 -10.70 -7.19 6.95
CA THR A 73 -10.45 -6.31 8.10
C THR A 73 -11.74 -5.70 8.61
N THR A 74 -12.57 -5.18 7.69
CA THR A 74 -13.73 -4.45 8.17
C THR A 74 -14.83 -5.35 8.60
N GLY A 75 -14.87 -6.59 8.06
CA GLY A 75 -16.01 -7.44 8.30
C GLY A 75 -17.30 -6.97 7.63
N GLY A 76 -17.21 -6.04 6.68
CA GLY A 76 -18.40 -5.45 6.08
C GLY A 76 -19.16 -6.44 5.22
N ASP A 77 -20.43 -6.16 5.06
CA ASP A 77 -21.29 -6.96 4.18
C ASP A 77 -20.95 -6.67 2.73
N VAL A 78 -20.76 -7.74 1.97
CA VAL A 78 -20.38 -7.65 0.56
C VAL A 78 -21.19 -8.62 -0.29
N ARG A 79 -21.16 -8.36 -1.59
CA ARG A 79 -21.59 -9.35 -2.58
C ARG A 79 -20.36 -9.81 -3.32
N ILE A 80 -20.25 -11.15 -3.48
CA ILE A 80 -19.15 -11.76 -4.23
C ILE A 80 -19.70 -12.29 -5.55
N TYR A 81 -19.10 -11.80 -6.64
CA TYR A 81 -19.37 -12.37 -7.99
C TYR A 81 -18.25 -13.36 -8.32
N TYR A 82 -18.63 -14.52 -8.87
CA TYR A 82 -17.62 -15.55 -9.11
C TYR A 82 -18.07 -16.36 -10.30
N LYS A 83 -17.12 -17.13 -10.83
CA LYS A 83 -17.39 -18.03 -11.97
C LYS A 83 -17.13 -19.47 -11.54
N GLU A 84 -18.07 -20.33 -11.82
CA GLU A 84 -17.95 -21.74 -11.42
C GLU A 84 -17.05 -22.52 -12.36
N ASN A 85 -16.45 -23.59 -11.81
CA ASN A 85 -15.84 -24.64 -12.64
C ASN A 85 -14.63 -24.10 -13.41
N VAL A 86 -13.81 -23.26 -12.77
CA VAL A 86 -12.64 -22.71 -13.44
C VAL A 86 -11.37 -23.49 -13.16
N TRP A 87 -11.02 -23.65 -11.88
CA TRP A 87 -9.72 -24.23 -11.57
C TRP A 87 -9.77 -25.74 -11.75
N ARG A 88 -8.87 -26.23 -12.57
CA ARG A 88 -8.84 -27.66 -12.95
C ARG A 88 -7.69 -28.43 -12.32
N ASP A 89 -6.75 -27.80 -11.64
CA ASP A 89 -5.79 -28.56 -10.87
C ASP A 89 -6.53 -29.29 -9.77
N PRO A 90 -6.52 -30.62 -9.77
CA PRO A 90 -7.36 -31.34 -8.80
C PRO A 90 -6.92 -31.14 -7.35
N ASP A 91 -5.62 -30.99 -7.11
CA ASP A 91 -5.16 -30.73 -5.74
C ASP A 91 -5.57 -29.34 -5.25
N PHE A 92 -5.53 -28.35 -6.15
CA PHE A 92 -5.93 -26.99 -5.78
C PHE A 92 -7.43 -26.91 -5.56
N LYS A 93 -8.22 -27.53 -6.48
CA LYS A 93 -9.65 -27.39 -6.26
C LYS A 93 -10.11 -28.15 -5.04
N SER A 94 -9.46 -29.26 -4.70
CA SER A 94 -9.86 -29.99 -3.48
C SER A 94 -9.52 -29.19 -2.21
N ALA A 95 -8.40 -28.50 -2.20
CA ALA A 95 -7.98 -27.75 -1.00
C ALA A 95 -8.81 -26.46 -0.85
N PHE A 96 -9.29 -25.89 -1.96
CA PHE A 96 -10.09 -24.62 -1.98
C PHE A 96 -11.42 -24.84 -2.73
N SER A 97 -11.46 -24.33 -3.95
CA SER A 97 -12.61 -24.62 -4.81
C SER A 97 -12.18 -24.41 -6.25
N SER A 98 -13.18 -24.53 -7.06
CA SER A 98 -13.03 -24.43 -8.52
C SER A 98 -13.46 -23.02 -8.96
N ARG A 99 -13.86 -22.19 -8.00
CA ARG A 99 -14.51 -20.91 -8.35
C ARG A 99 -13.48 -19.79 -8.50
N GLU A 100 -13.62 -19.05 -9.56
CA GLU A 100 -12.77 -17.86 -9.83
C GLU A 100 -13.48 -16.62 -9.34
N LEU A 101 -12.82 -15.85 -8.48
CA LEU A 101 -13.36 -14.59 -7.98
C LEU A 101 -13.38 -13.52 -9.06
N ILE A 102 -14.54 -12.90 -9.29
CA ILE A 102 -14.71 -11.91 -10.37
C ILE A 102 -14.83 -10.49 -9.83
N ALA A 103 -15.63 -10.29 -8.76
CA ALA A 103 -15.81 -8.91 -8.27
C ALA A 103 -16.27 -8.97 -6.83
N ILE A 104 -16.00 -7.89 -6.11
CA ILE A 104 -16.49 -7.71 -4.74
C ILE A 104 -17.15 -6.35 -4.68
N THR A 105 -18.41 -6.31 -4.26
CA THR A 105 -19.13 -5.03 -4.14
C THR A 105 -19.71 -4.92 -2.73
N THR A 106 -20.00 -3.69 -2.30
CA THR A 106 -20.49 -3.50 -0.93
C THR A 106 -21.99 -3.58 -0.85
N CYS A 107 -22.48 -3.91 0.33
CA CYS A 107 -23.90 -3.90 0.65
C CYS A 107 -24.17 -2.83 1.68
N SER A 108 -25.03 -1.89 1.38
CA SER A 108 -25.35 -0.84 2.36
C SER A 108 -26.61 -1.15 3.16
N SER A 109 -27.34 -2.21 2.84
CA SER A 109 -28.43 -2.67 3.67
C SER A 109 -28.54 -4.18 3.53
N SER A 110 -29.42 -4.77 4.34
CA SER A 110 -29.67 -6.21 4.27
C SER A 110 -30.27 -6.63 2.94
N SER A 111 -30.79 -5.69 2.15
CA SER A 111 -31.44 -5.99 0.89
C SER A 111 -30.80 -5.35 -0.35
N TYR A 112 -29.75 -4.54 -0.22
CA TYR A 112 -29.14 -3.87 -1.35
C TYR A 112 -27.63 -4.02 -1.33
N CYS A 113 -27.08 -4.48 -2.45
CA CYS A 113 -25.65 -4.41 -2.71
C CYS A 113 -25.45 -3.80 -4.06
N MET A 114 -24.32 -3.15 -4.27
CA MET A 114 -24.05 -2.52 -5.55
C MET A 114 -23.77 -3.61 -6.61
N GLY A 115 -24.12 -3.32 -7.86
CA GLY A 115 -23.86 -4.22 -8.95
C GLY A 115 -25.13 -4.91 -9.45
N PRO A 116 -25.01 -5.55 -10.59
CA PRO A 116 -26.18 -6.14 -11.25
C PRO A 116 -26.68 -7.41 -10.57
N THR A 117 -27.98 -7.64 -10.65
CA THR A 117 -28.62 -8.86 -10.17
C THR A 117 -29.35 -9.56 -11.30
N VAL A 118 -29.60 -10.84 -11.12
CA VAL A 118 -30.40 -11.64 -12.05
C VAL A 118 -31.82 -11.71 -11.50
N ALA B 1 -2.21 -34.29 -3.32
CA ALA B 1 -2.10 -33.14 -2.39
C ALA B 1 -1.31 -32.05 -3.08
N MET B 2 -1.44 -30.80 -2.60
CA MET B 2 -0.72 -29.67 -3.21
C MET B 2 0.75 -29.75 -2.86
N ALA B 3 1.61 -29.79 -3.88
CA ALA B 3 3.05 -29.76 -3.66
C ALA B 3 3.46 -28.54 -2.84
N ASP B 4 4.29 -28.78 -1.84
CA ASP B 4 4.84 -27.82 -0.90
C ASP B 4 3.84 -27.36 0.15
N TYR B 5 2.70 -28.04 0.33
CA TYR B 5 1.68 -27.69 1.32
C TYR B 5 1.58 -28.73 2.44
N ASP B 6 2.56 -29.59 2.56
CA ASP B 6 2.47 -30.74 3.48
C ASP B 6 2.98 -30.42 4.87
N THR B 7 3.65 -29.28 5.08
CA THR B 7 4.30 -28.95 6.34
C THR B 7 3.82 -27.58 6.80
N TYR B 8 3.20 -27.51 7.97
CA TYR B 8 2.57 -26.26 8.46
C TYR B 8 2.47 -26.28 9.97
N VAL B 9 2.31 -25.06 10.53
CA VAL B 9 1.94 -24.90 11.93
C VAL B 9 0.69 -24.04 11.98
N SER B 10 -0.28 -24.44 12.79
CA SER B 10 -1.59 -23.82 12.83
C SER B 10 -1.79 -23.03 14.11
N ASN B 11 -2.67 -22.04 14.01
CA ASN B 11 -3.10 -21.26 15.16
C ASN B 11 -1.94 -20.58 15.88
N VAL B 12 -1.04 -20.06 15.07
CA VAL B 12 0.09 -19.25 15.54
C VAL B 12 -0.18 -17.78 15.29
N GLN B 13 0.67 -16.90 15.86
CA GLN B 13 0.60 -15.48 15.57
C GLN B 13 1.98 -15.04 15.11
N ILE B 14 2.02 -14.08 14.21
CA ILE B 14 3.28 -13.51 13.78
C ILE B 14 3.65 -12.43 14.80
N ASN B 15 4.71 -12.67 15.59
CA ASN B 15 5.07 -11.74 16.65
C ASN B 15 6.38 -11.05 16.37
N ASN B 16 7.02 -11.29 15.25
CA ASN B 16 8.24 -10.57 14.88
C ASN B 16 8.35 -10.55 13.37
N LEU B 17 9.04 -9.55 12.83
CA LEU B 17 9.26 -9.41 11.40
CA LEU B 17 9.25 -9.41 11.41
C LEU B 17 10.67 -8.88 11.18
N SER B 18 11.32 -9.31 10.12
CA SER B 18 12.57 -8.76 9.62
C SER B 18 12.45 -8.45 8.15
N TYR B 19 13.02 -7.34 7.69
CA TYR B 19 13.12 -7.03 6.28
C TYR B 19 14.51 -6.46 6.04
N GLY B 20 15.22 -6.93 5.01
CA GLY B 20 16.52 -6.40 4.73
C GLY B 20 16.96 -6.63 3.31
N VAL B 21 18.06 -5.99 2.99
CA VAL B 21 18.75 -6.18 1.72
C VAL B 21 20.12 -6.78 1.99
N TYR B 22 20.59 -7.62 1.06
CA TYR B 22 21.72 -8.48 1.39
C TYR B 22 22.30 -9.07 0.12
N THR B 23 23.62 -9.18 0.03
CA THR B 23 24.26 -9.86 -1.10
C THR B 23 24.45 -11.32 -0.71
N SER B 24 23.90 -12.24 -1.48
CA SER B 24 23.99 -13.66 -1.15
C SER B 24 24.43 -14.42 -2.37
N GLY B 25 25.52 -15.19 -2.21
CA GLY B 25 26.01 -15.97 -3.31
C GLY B 25 26.29 -15.11 -4.51
N GLY B 26 26.75 -13.88 -4.29
CA GLY B 26 27.08 -12.97 -5.38
C GLY B 26 25.93 -12.26 -6.07
N LYS B 27 24.71 -12.33 -5.55
CA LYS B 27 23.56 -11.67 -6.14
C LYS B 27 22.93 -10.74 -5.10
N GLU B 28 22.37 -9.65 -5.58
CA GLU B 28 21.68 -8.71 -4.72
C GLU B 28 20.29 -9.19 -4.39
N THR B 29 19.98 -9.32 -3.11
CA THR B 29 18.67 -9.86 -2.72
C THR B 29 17.94 -8.86 -1.82
N GLN B 30 16.62 -9.03 -1.71
CA GLN B 30 15.79 -8.61 -0.60
C GLN B 30 15.33 -9.87 0.09
N PHE B 31 15.11 -9.80 1.40
CA PHE B 31 14.48 -10.89 2.10
C PHE B 31 13.59 -10.34 3.20
N PHE B 32 12.65 -11.16 3.63
CA PHE B 32 11.96 -10.90 4.88
C PHE B 32 11.81 -12.21 5.61
N CYS B 33 11.65 -12.14 6.90
CA CYS B 33 11.42 -13.30 7.75
C CYS B 33 10.30 -12.96 8.71
N ILE B 34 9.53 -13.95 9.05
CA ILE B 34 8.49 -13.83 10.08
C ILE B 34 8.93 -14.68 11.27
N GLY B 35 8.68 -14.17 12.47
CA GLY B 35 8.84 -14.93 13.72
C GLY B 35 7.48 -15.20 14.34
N LEU B 36 7.35 -16.37 14.92
CA LEU B 36 6.05 -16.85 15.39
C LEU B 36 6.00 -17.07 16.87
N LYS B 37 4.79 -16.95 17.44
CA LYS B 37 4.47 -17.46 18.78
C LYS B 37 3.21 -18.33 18.66
N HIS B 38 2.88 -19.06 19.68
CA HIS B 38 1.64 -19.85 19.73
C HIS B 38 0.99 -19.52 21.07
N GLY B 39 0.39 -18.33 21.18
CA GLY B 39 -0.12 -17.88 22.48
C GLY B 39 1.00 -17.87 23.49
N SER B 40 0.78 -18.56 24.61
CA SER B 40 1.83 -18.66 25.61
C SER B 40 2.58 -20.00 25.57
N GLU B 41 2.32 -20.84 24.57
CA GLU B 41 2.94 -22.17 24.44
C GLU B 41 4.25 -22.00 23.68
N ALA B 42 5.32 -22.65 24.18
CA ALA B 42 6.63 -22.52 23.54
C ALA B 42 6.59 -23.19 22.17
N ILE B 43 7.03 -22.50 21.15
CA ILE B 43 7.07 -23.02 19.79
C ILE B 43 8.53 -22.94 19.31
N SER B 44 9.05 -24.03 18.80
CA SER B 44 10.41 -24.06 18.23
C SER B 44 10.41 -23.82 16.71
N ILE B 45 9.32 -24.15 16.02
CA ILE B 45 9.23 -23.97 14.58
C ILE B 45 8.70 -22.55 14.41
N ASN B 46 9.63 -21.58 14.55
CA ASN B 46 9.22 -20.23 14.89
C ASN B 46 9.77 -19.16 13.98
N ALA B 47 10.33 -19.55 12.83
CA ALA B 47 10.90 -18.56 11.89
C ALA B 47 10.95 -19.12 10.46
N MET B 48 10.49 -18.29 9.51
CA MET B 48 10.38 -18.68 8.09
C MET B 48 10.68 -17.42 7.26
N CYS B 49 11.34 -17.59 6.14
CA CYS B 49 11.80 -16.44 5.34
C CYS B 49 11.43 -16.61 3.88
N LYS B 50 11.46 -15.50 3.17
CA LYS B 50 11.27 -15.50 1.73
C LYS B 50 12.29 -14.54 1.13
N VAL B 51 12.82 -14.87 -0.04
CA VAL B 51 13.89 -14.08 -0.69
C VAL B 51 13.41 -13.75 -2.10
N ASP B 52 13.66 -12.55 -2.58
CA ASP B 52 13.09 -12.15 -3.89
C ASP B 52 13.67 -12.92 -5.08
N VAL B 53 14.95 -13.28 -5.06
CA VAL B 53 15.62 -13.90 -6.24
C VAL B 53 16.11 -15.32 -5.96
N TYR B 54 15.75 -15.90 -4.85
CA TYR B 54 16.15 -17.27 -4.53
C TYR B 54 14.94 -18.00 -3.97
N GLY B 55 15.04 -19.32 -3.93
CA GLY B 55 14.03 -20.14 -3.29
C GLY B 55 13.34 -21.05 -4.28
N ASN B 56 12.49 -21.91 -3.71
CA ASN B 56 11.67 -22.72 -4.57
C ASN B 56 10.57 -21.94 -5.26
N HIS B 57 10.17 -20.79 -4.72
CA HIS B 57 9.13 -19.99 -5.38
C HIS B 57 9.55 -18.54 -5.22
N LYS B 58 10.04 -17.92 -6.30
CA LYS B 58 10.48 -16.52 -6.23
C LYS B 58 9.33 -15.53 -6.33
N GLN B 59 8.19 -16.00 -6.87
CA GLN B 59 7.06 -15.09 -7.06
C GLN B 59 6.46 -14.62 -5.73
N GLY B 60 5.76 -13.51 -5.81
CA GLY B 60 4.95 -13.10 -4.67
C GLY B 60 5.72 -12.48 -3.53
N PHE B 61 6.92 -11.94 -3.77
CA PHE B 61 7.72 -11.33 -2.67
C PHE B 61 6.95 -10.20 -1.97
N ASP B 62 6.54 -9.21 -2.73
CA ASP B 62 5.86 -8.04 -2.14
C ASP B 62 4.52 -8.44 -1.52
N ASN B 63 3.78 -9.29 -2.21
CA ASN B 63 2.45 -9.69 -1.66
C ASN B 63 2.63 -10.51 -0.37
N MET B 64 3.60 -11.40 -0.33
CA MET B 64 3.82 -12.16 0.87
C MET B 64 4.32 -11.27 2.00
N LEU B 65 5.19 -10.28 1.69
CA LEU B 65 5.65 -9.33 2.72
C LEU B 65 4.49 -8.53 3.27
N ASN B 66 3.64 -8.03 2.38
CA ASN B 66 2.54 -7.23 2.84
C ASN B 66 1.54 -8.05 3.62
N THR B 67 1.38 -9.33 3.25
CA THR B 67 0.49 -10.18 4.02
C THR B 67 1.05 -10.45 5.43
N ALA B 68 2.33 -10.72 5.52
CA ALA B 68 2.95 -10.97 6.83
C ALA B 68 2.86 -9.74 7.73
N LYS B 69 3.08 -8.56 7.19
CA LYS B 69 2.99 -7.28 7.94
C LYS B 69 1.55 -7.09 8.44
N TYR B 70 0.60 -7.43 7.61
CA TYR B 70 -0.81 -7.35 8.00
C TYR B 70 -1.08 -8.19 9.26
N TYR B 71 -0.67 -9.46 9.27
CA TYR B 71 -0.95 -10.29 10.44
C TYR B 71 -0.09 -9.92 11.65
N TYR B 72 1.13 -9.38 11.43
CA TYR B 72 1.87 -8.85 12.58
C TYR B 72 1.08 -7.74 13.24
N THR B 73 0.43 -6.91 12.40
CA THR B 73 -0.35 -5.78 12.95
C THR B 73 -1.56 -6.27 13.71
N THR B 74 -2.29 -7.21 13.13
CA THR B 74 -3.52 -7.62 13.79
C THR B 74 -3.30 -8.57 14.95
N GLY B 75 -2.19 -9.30 14.94
CA GLY B 75 -2.01 -10.34 15.94
C GLY B 75 -2.96 -11.52 15.80
N GLY B 76 -3.62 -11.64 14.65
CA GLY B 76 -4.61 -12.67 14.48
C GLY B 76 -3.99 -14.06 14.32
N ASP B 77 -4.81 -15.05 14.55
CA ASP B 77 -4.38 -16.43 14.40
C ASP B 77 -4.29 -16.83 12.92
N VAL B 78 -3.17 -17.46 12.58
CA VAL B 78 -2.91 -17.93 11.19
C VAL B 78 -2.30 -19.33 11.16
N ARG B 79 -2.32 -19.91 9.99
CA ARG B 79 -1.58 -21.15 9.69
C ARG B 79 -0.46 -20.75 8.74
N ILE B 80 0.73 -21.23 9.03
CA ILE B 80 1.91 -20.97 8.18
C ILE B 80 2.32 -22.27 7.49
N TYR B 81 2.31 -22.24 6.16
CA TYR B 81 2.85 -23.34 5.35
C TYR B 81 4.28 -22.99 5.00
N TYR B 82 5.21 -23.95 5.17
CA TYR B 82 6.60 -23.64 4.96
C TYR B 82 7.30 -24.89 4.48
N LYS B 83 8.52 -24.68 3.96
CA LYS B 83 9.38 -25.77 3.50
C LYS B 83 10.67 -25.73 4.28
N GLU B 84 11.08 -26.87 4.84
CA GLU B 84 12.31 -26.97 5.59
C GLU B 84 13.53 -27.09 4.66
N ASN B 85 14.66 -26.65 5.17
CA ASN B 85 15.96 -26.97 4.57
C ASN B 85 16.10 -26.39 3.18
N VAL B 86 15.71 -25.13 3.05
CA VAL B 86 15.79 -24.46 1.74
C VAL B 86 17.04 -23.59 1.62
N TRP B 87 17.24 -22.62 2.50
CA TRP B 87 18.33 -21.64 2.27
C TRP B 87 19.72 -22.31 2.34
N ARG B 88 20.52 -22.14 1.29
CA ARG B 88 21.86 -22.76 1.20
C ARG B 88 22.97 -21.78 1.64
N ASP B 89 22.66 -20.51 1.82
CA ASP B 89 23.66 -19.54 2.34
C ASP B 89 23.81 -19.86 3.82
N PRO B 90 24.97 -20.36 4.32
CA PRO B 90 25.07 -20.74 5.71
C PRO B 90 25.02 -19.55 6.67
N ASP B 91 25.51 -18.40 6.21
CA ASP B 91 25.41 -17.22 7.07
C ASP B 91 23.95 -16.78 7.25
N PHE B 92 23.14 -16.88 6.20
CA PHE B 92 21.73 -16.50 6.31
C PHE B 92 20.99 -17.50 7.18
N LYS B 93 21.24 -18.79 6.95
CA LYS B 93 20.50 -19.80 7.67
C LYS B 93 20.76 -19.73 9.17
N SER B 94 22.01 -19.46 9.57
CA SER B 94 22.29 -19.32 11.00
C SER B 94 21.74 -18.03 11.60
N ALA B 95 21.64 -16.96 10.80
CA ALA B 95 21.12 -15.69 11.31
C ALA B 95 19.61 -15.68 11.41
N PHE B 96 18.94 -16.39 10.51
CA PHE B 96 17.49 -16.23 10.32
C PHE B 96 16.91 -17.63 10.42
N SER B 97 16.77 -18.32 9.29
CA SER B 97 16.24 -19.66 9.36
C SER B 97 16.61 -20.39 8.06
N SER B 98 16.42 -21.75 8.03
CA SER B 98 16.54 -22.44 6.74
C SER B 98 15.21 -22.54 6.01
N ARG B 99 14.13 -22.10 6.65
CA ARG B 99 12.78 -22.43 6.15
C ARG B 99 12.28 -21.37 5.17
N GLU B 100 11.62 -21.81 4.10
CA GLU B 100 10.99 -20.93 3.13
C GLU B 100 9.49 -20.84 3.42
N LEU B 101 9.00 -19.62 3.45
CA LEU B 101 7.58 -19.35 3.63
C LEU B 101 6.83 -19.61 2.34
N ILE B 102 5.77 -20.41 2.41
CA ILE B 102 4.97 -20.82 1.25
C ILE B 102 3.59 -20.20 1.25
N ALA B 103 2.92 -20.12 2.37
CA ALA B 103 1.55 -19.57 2.38
C ALA B 103 1.18 -19.14 3.79
N ILE B 104 0.25 -18.19 3.88
CA ILE B 104 -0.30 -17.74 5.16
C ILE B 104 -1.79 -17.77 5.00
N THR B 105 -2.48 -18.50 5.87
CA THR B 105 -3.94 -18.56 5.87
C THR B 105 -4.46 -18.19 7.22
N THR B 106 -5.70 -17.78 7.34
CA THR B 106 -6.28 -17.37 8.62
C THR B 106 -6.95 -18.54 9.32
N CYS B 107 -7.07 -18.44 10.62
CA CYS B 107 -7.78 -19.39 11.46
C CYS B 107 -8.95 -18.67 12.09
N SER B 108 -10.15 -19.16 11.84
CA SER B 108 -11.33 -18.56 12.45
C SER B 108 -11.74 -19.21 13.75
N SER B 109 -11.13 -20.34 14.13
CA SER B 109 -11.37 -20.97 15.42
C SER B 109 -10.15 -21.76 15.78
N SER B 110 -10.15 -22.30 16.99
CA SER B 110 -9.04 -23.15 17.42
C SER B 110 -8.92 -24.42 16.59
N SER B 111 -9.97 -24.84 15.83
CA SER B 111 -9.81 -26.03 15.01
C SER B 111 -9.79 -25.77 13.52
N TYR B 112 -10.16 -24.59 13.04
CA TYR B 112 -10.21 -24.43 11.61
C TYR B 112 -9.30 -23.28 11.14
N CYS B 113 -8.43 -23.57 10.16
CA CYS B 113 -7.75 -22.51 9.44
C CYS B 113 -7.94 -22.90 7.97
N MET B 114 -7.98 -21.90 7.09
CA MET B 114 -8.14 -22.28 5.69
C MET B 114 -6.96 -23.03 5.12
N GLY B 115 -7.21 -23.81 4.08
CA GLY B 115 -6.16 -24.52 3.38
C GLY B 115 -6.14 -26.01 3.66
N PRO B 116 -5.34 -26.73 2.90
CA PRO B 116 -5.30 -28.20 3.03
C PRO B 116 -4.60 -28.68 4.28
N THR B 117 -5.05 -29.81 4.79
CA THR B 117 -4.40 -30.45 5.92
C THR B 117 -3.99 -31.86 5.54
N VAL B 118 -3.04 -32.41 6.30
CA VAL B 118 -2.58 -33.81 5.99
C VAL B 118 -3.40 -34.93 6.64
N ALA C 1 24.63 23.41 0.07
CA ALA C 1 23.32 23.02 0.62
C ALA C 1 22.67 22.10 -0.39
N MET C 2 21.63 21.35 0.02
CA MET C 2 20.96 20.44 -0.90
C MET C 2 20.16 21.29 -1.89
N ALA C 3 20.47 21.10 -3.15
CA ALA C 3 19.70 21.78 -4.20
C ALA C 3 18.21 21.48 -4.06
N ASP C 4 17.38 22.52 -4.18
CA ASP C 4 15.94 22.46 -4.12
C ASP C 4 15.40 22.26 -2.73
N TYR C 5 16.21 22.40 -1.68
CA TYR C 5 15.80 22.22 -0.29
C TYR C 5 15.85 23.52 0.51
N ASP C 6 15.91 24.66 -0.17
CA ASP C 6 16.09 25.92 0.52
C ASP C 6 14.79 26.60 0.91
N THR C 7 13.63 26.18 0.38
CA THR C 7 12.36 26.80 0.72
C THR C 7 11.43 25.73 1.29
N TYR C 8 10.98 25.94 2.51
CA TYR C 8 10.16 24.99 3.23
C TYR C 8 9.29 25.74 4.21
N VAL C 9 8.29 25.05 4.69
CA VAL C 9 7.47 25.52 5.80
C VAL C 9 7.42 24.45 6.87
N SER C 10 7.57 24.86 8.12
CA SER C 10 7.78 23.94 9.23
C SER C 10 6.59 23.90 10.16
N ASN C 11 6.43 22.75 10.85
CA ASN C 11 5.43 22.64 11.91
C ASN C 11 4.03 22.92 11.38
N VAL C 12 3.76 22.38 10.21
CA VAL C 12 2.43 22.48 9.61
C VAL C 12 1.72 21.13 9.67
N GLN C 13 0.43 21.16 9.31
CA GLN C 13 -0.32 19.92 9.17
C GLN C 13 -0.98 19.92 7.80
N ILE C 14 -1.03 18.74 7.20
CA ILE C 14 -1.71 18.58 5.91
C ILE C 14 -3.19 18.45 6.24
N ASN C 15 -3.98 19.43 5.87
CA ASN C 15 -5.40 19.40 6.22
C ASN C 15 -6.31 19.29 5.00
N ASN C 16 -5.75 19.19 3.78
CA ASN C 16 -6.59 18.93 2.62
C ASN C 16 -5.73 18.17 1.62
N LEU C 17 -6.40 17.40 0.75
CA LEU C 17 -5.73 16.59 -0.24
C LEU C 17 -6.55 16.53 -1.50
N SER C 18 -5.91 16.62 -2.65
CA SER C 18 -6.59 16.40 -3.93
C SER C 18 -5.81 15.40 -4.76
N TYR C 19 -6.49 14.51 -5.48
CA TYR C 19 -5.84 13.65 -6.44
C TYR C 19 -6.69 13.64 -7.70
N GLY C 20 -6.03 13.76 -8.84
CA GLY C 20 -6.79 13.69 -10.08
C GLY C 20 -5.96 13.37 -11.28
N VAL C 21 -6.68 13.22 -12.38
CA VAL C 21 -6.05 12.97 -13.68
C VAL C 21 -6.35 14.17 -14.57
N TYR C 22 -5.44 14.46 -15.51
CA TYR C 22 -5.56 15.68 -16.29
C TYR C 22 -4.68 15.59 -17.53
N THR C 23 -5.20 16.06 -18.66
CA THR C 23 -4.41 16.10 -19.89
C THR C 23 -3.69 17.44 -19.99
N SER C 24 -2.37 17.44 -20.20
CA SER C 24 -1.64 18.70 -20.37
C SER C 24 -0.56 18.56 -21.44
N GLY C 25 -0.52 19.45 -22.40
CA GLY C 25 0.58 19.41 -23.36
C GLY C 25 0.66 18.10 -24.12
N GLY C 26 -0.48 17.51 -24.44
CA GLY C 26 -0.48 16.22 -25.14
C GLY C 26 -0.08 15.03 -24.33
N LYS C 27 0.08 15.17 -23.00
CA LYS C 27 0.45 14.04 -22.15
C LYS C 27 -0.67 13.82 -21.17
N GLU C 28 -0.94 12.57 -20.86
CA GLU C 28 -1.88 12.24 -19.83
C GLU C 28 -1.16 12.25 -18.49
N THR C 29 -1.67 13.03 -17.51
CA THR C 29 -0.92 13.17 -16.30
C THR C 29 -1.81 12.69 -15.13
N GLN C 30 -1.15 12.37 -14.00
CA GLN C 30 -1.77 12.32 -12.68
C GLN C 30 -1.17 13.46 -11.87
N PHE C 31 -1.97 14.00 -10.94
CA PHE C 31 -1.37 14.95 -9.99
C PHE C 31 -2.04 14.79 -8.66
N PHE C 32 -1.34 15.27 -7.62
CA PHE C 32 -2.01 15.47 -6.33
C PHE C 32 -1.50 16.75 -5.72
N CYS C 33 -2.31 17.28 -4.85
CA CYS C 33 -1.95 18.52 -4.15
CA CYS C 33 -2.04 18.56 -4.19
C CYS C 33 -2.31 18.39 -2.70
N ILE C 34 -1.53 19.10 -1.88
CA ILE C 34 -1.78 19.13 -0.43
C ILE C 34 -2.09 20.55 -0.05
N GLY C 35 -3.01 20.69 0.92
CA GLY C 35 -3.27 21.94 1.60
C GLY C 35 -2.79 21.87 3.03
N LEU C 36 -2.33 23.05 3.50
CA LEU C 36 -1.68 23.13 4.82
C LEU C 36 -2.38 24.11 5.75
N LYS C 37 -2.24 23.82 7.07
CA LYS C 37 -2.53 24.79 8.13
C LYS C 37 -1.37 24.80 9.12
N HIS C 38 -1.33 25.84 9.95
CA HIS C 38 -0.35 25.93 11.05
C HIS C 38 -1.18 25.96 12.33
N GLY C 39 -1.48 24.79 12.86
CA GLY C 39 -2.38 24.71 14.01
C GLY C 39 -3.71 25.33 13.66
N SER C 40 -4.10 26.39 14.34
CA SER C 40 -5.41 27.02 14.08
C SER C 40 -5.23 28.21 13.14
N GLU C 41 -4.01 28.44 12.69
CA GLU C 41 -3.73 29.59 11.83
C GLU C 41 -3.65 29.18 10.36
N ALA C 42 -4.15 30.06 9.54
CA ALA C 42 -3.96 29.94 8.09
C ALA C 42 -2.57 30.48 7.73
N ILE C 43 -1.92 29.84 6.76
CA ILE C 43 -0.59 30.38 6.37
C ILE C 43 -0.62 30.88 4.92
N SER C 44 0.41 31.59 4.56
CA SER C 44 0.52 32.11 3.18
C SER C 44 0.90 30.98 2.22
N ILE C 45 1.83 30.12 2.59
CA ILE C 45 2.29 29.05 1.67
C ILE C 45 1.46 27.84 2.04
N ASN C 46 0.31 27.70 1.46
CA ASN C 46 -0.61 26.71 1.99
C ASN C 46 -1.00 25.63 1.01
N ALA C 47 -0.30 25.53 -0.13
CA ALA C 47 -0.64 24.45 -1.06
C ALA C 47 0.53 24.21 -1.98
N MET C 48 0.60 22.97 -2.43
CA MET C 48 1.71 22.47 -3.23
C MET C 48 1.34 21.17 -3.90
N CYS C 49 1.88 20.93 -5.08
CA CYS C 49 1.40 19.79 -5.89
C CYS C 49 2.56 19.03 -6.48
N LYS C 50 2.31 17.77 -6.87
CA LYS C 50 3.28 16.97 -7.60
C LYS C 50 2.56 16.36 -8.80
N VAL C 51 3.26 16.26 -9.92
CA VAL C 51 2.65 15.77 -11.15
C VAL C 51 3.54 14.65 -11.65
N ASP C 52 2.94 13.56 -12.14
CA ASP C 52 3.76 12.38 -12.42
C ASP C 52 4.70 12.56 -13.60
N VAL C 53 4.31 13.34 -14.63
CA VAL C 53 5.11 13.40 -15.86
C VAL C 53 5.60 14.82 -16.18
N TYR C 54 5.49 15.76 -15.24
CA TYR C 54 5.99 17.13 -15.33
C TYR C 54 6.68 17.47 -14.03
N GLY C 55 7.47 18.53 -14.10
CA GLY C 55 8.11 19.05 -12.90
C GLY C 55 9.61 18.91 -12.95
N ASN C 56 10.26 19.48 -11.95
CA ASN C 56 11.70 19.32 -11.82
C ASN C 56 12.09 17.91 -11.34
N HIS C 57 11.21 17.21 -10.65
CA HIS C 57 11.53 15.84 -10.20
C HIS C 57 10.31 14.95 -10.47
N LYS C 58 10.36 14.19 -11.56
CA LYS C 58 9.21 13.32 -11.97
C LYS C 58 9.13 12.03 -11.15
N GLN C 59 10.25 11.63 -10.57
CA GLN C 59 10.31 10.38 -9.76
C GLN C 59 9.51 10.51 -8.45
N GLY C 60 9.12 9.37 -7.92
CA GLY C 60 8.52 9.35 -6.62
C GLY C 60 7.08 9.79 -6.51
N PHE C 61 6.33 9.74 -7.61
CA PHE C 61 4.92 10.16 -7.53
C PHE C 61 4.16 9.35 -6.51
N ASP C 62 4.20 8.00 -6.66
CA ASP C 62 3.37 7.17 -5.78
C ASP C 62 3.88 7.26 -4.33
N ASN C 63 5.21 7.22 -4.13
CA ASN C 63 5.72 7.31 -2.75
C ASN C 63 5.38 8.66 -2.13
N MET C 64 5.40 9.77 -2.91
CA MET C 64 5.04 11.05 -2.35
C MET C 64 3.56 11.13 -2.02
N LEU C 65 2.75 10.55 -2.93
CA LEU C 65 1.31 10.55 -2.67
C LEU C 65 0.98 9.76 -1.42
N ASN C 66 1.58 8.57 -1.27
CA ASN C 66 1.26 7.76 -0.12
C ASN C 66 1.76 8.43 1.15
N THR C 67 2.87 9.16 1.07
CA THR C 67 3.38 9.87 2.25
C THR C 67 2.46 11.03 2.62
N ALA C 68 1.98 11.77 1.65
CA ALA C 68 1.05 12.89 1.92
C ALA C 68 -0.25 12.36 2.50
N LYS C 69 -0.79 11.28 1.96
CA LYS C 69 -2.04 10.70 2.48
C LYS C 69 -1.84 10.27 3.95
N TYR C 70 -0.70 9.68 4.25
CA TYR C 70 -0.37 9.25 5.63
C TYR C 70 -0.48 10.44 6.59
N TYR C 71 0.18 11.55 6.27
CA TYR C 71 0.13 12.67 7.19
C TYR C 71 -1.21 13.38 7.22
N TYR C 72 -1.96 13.36 6.09
CA TYR C 72 -3.32 13.86 6.17
C TYR C 72 -4.12 13.03 7.16
N THR C 73 -3.90 11.72 7.15
CA THR C 73 -4.63 10.84 8.08
C THR C 73 -4.24 11.10 9.53
N THR C 74 -2.92 11.19 9.83
CA THR C 74 -2.50 11.28 11.21
C THR C 74 -2.69 12.68 11.74
N GLY C 75 -2.70 13.70 10.88
CA GLY C 75 -2.68 15.09 11.30
C GLY C 75 -1.39 15.51 11.96
N GLY C 76 -0.31 14.71 11.78
CA GLY C 76 0.95 14.99 12.46
C GLY C 76 1.66 16.20 11.91
N ASP C 77 2.55 16.76 12.74
CA ASP C 77 3.32 17.95 12.39
C ASP C 77 4.44 17.56 11.44
N VAL C 78 4.55 18.29 10.34
CA VAL C 78 5.53 18.03 9.29
C VAL C 78 6.17 19.32 8.84
N ARG C 79 7.30 19.17 8.13
CA ARG C 79 7.90 20.22 7.32
C ARG C 79 7.75 19.81 5.86
N ILE C 80 7.33 20.78 5.06
CA ILE C 80 7.14 20.58 3.63
C ILE C 80 8.19 21.38 2.91
N TYR C 81 9.01 20.70 2.11
CA TYR C 81 9.92 21.37 1.18
C TYR C 81 9.22 21.51 -0.16
N TYR C 82 9.39 22.67 -0.78
CA TYR C 82 8.69 22.95 -2.02
C TYR C 82 9.52 23.87 -2.89
N LYS C 83 9.13 23.96 -4.17
CA LYS C 83 9.80 24.84 -5.12
C LYS C 83 8.77 25.78 -5.72
N GLU C 84 9.08 27.08 -5.72
CA GLU C 84 8.16 28.07 -6.27
C GLU C 84 8.16 28.08 -7.80
N ASN C 85 7.02 28.47 -8.35
CA ASN C 85 6.95 28.87 -9.75
C ASN C 85 7.22 27.70 -10.68
N VAL C 86 6.72 26.52 -10.35
CA VAL C 86 6.91 25.38 -11.22
C VAL C 86 5.73 25.19 -12.17
N TRP C 87 4.52 25.13 -11.61
CA TRP C 87 3.31 24.95 -12.45
C TRP C 87 2.92 26.31 -13.01
N ARG C 88 3.08 26.47 -14.30
CA ARG C 88 2.91 27.76 -14.94
C ARG C 88 1.65 27.80 -15.79
N ASP C 89 0.87 26.74 -15.85
CA ASP C 89 -0.43 26.73 -16.56
C ASP C 89 -1.34 27.52 -15.63
N PRO C 90 -1.81 28.73 -16.02
CA PRO C 90 -2.60 29.54 -15.09
C PRO C 90 -3.87 28.92 -14.54
N ASP C 91 -4.50 28.08 -15.34
CA ASP C 91 -5.75 27.45 -14.87
C ASP C 91 -5.43 26.38 -13.82
N PHE C 92 -4.29 25.70 -13.92
CA PHE C 92 -3.90 24.74 -12.86
C PHE C 92 -3.49 25.51 -11.62
N LYS C 93 -2.74 26.59 -11.82
CA LYS C 93 -2.26 27.48 -10.73
C LYS C 93 -3.47 28.06 -9.98
N SER C 94 -4.47 28.54 -10.71
CA SER C 94 -5.70 29.10 -10.11
C SER C 94 -6.46 28.01 -9.35
N ALA C 95 -6.52 26.80 -9.90
CA ALA C 95 -7.29 25.71 -9.34
C ALA C 95 -6.60 25.06 -8.17
N PHE C 96 -5.26 25.00 -8.18
CA PHE C 96 -4.49 24.19 -7.25
C PHE C 96 -3.31 24.99 -6.72
N SER C 97 -2.13 24.90 -7.34
CA SER C 97 -1.00 25.68 -6.85
C SER C 97 0.05 25.81 -7.97
N SER C 98 0.97 26.79 -7.83
CA SER C 98 2.16 26.91 -8.68
C SER C 98 3.39 26.15 -8.11
N ARG C 99 3.31 25.63 -6.90
CA ARG C 99 4.48 25.13 -6.19
C ARG C 99 4.59 23.63 -6.37
N GLU C 100 5.81 23.16 -6.56
CA GLU C 100 6.07 21.70 -6.65
C GLU C 100 6.52 21.15 -5.29
N LEU C 101 5.88 20.07 -4.87
CA LEU C 101 6.22 19.38 -3.63
C LEU C 101 7.53 18.59 -3.82
N ILE C 102 8.51 18.86 -2.93
CA ILE C 102 9.86 18.28 -3.02
C ILE C 102 10.09 17.22 -1.95
N ALA C 103 9.64 17.43 -0.71
CA ALA C 103 9.93 16.51 0.39
C ALA C 103 8.96 16.75 1.53
N ILE C 104 8.74 15.70 2.34
CA ILE C 104 7.91 15.78 3.55
C ILE C 104 8.73 15.15 4.65
N THR C 105 8.96 15.90 5.71
CA THR C 105 9.71 15.40 6.86
C THR C 105 8.89 15.64 8.11
N THR C 106 9.17 14.89 9.17
CA THR C 106 8.38 15.01 10.39
C THR C 106 8.99 16.00 11.36
N CYS C 107 8.13 16.54 12.25
CA CYS C 107 8.57 17.34 13.39
C CYS C 107 8.17 16.62 14.65
N SER C 108 9.16 16.13 15.38
CA SER C 108 8.91 15.43 16.62
C SER C 108 8.64 16.32 17.79
N SER C 109 8.85 17.62 17.62
CA SER C 109 8.46 18.54 18.68
C SER C 109 8.20 19.87 18.02
N SER C 110 7.70 20.81 18.82
CA SER C 110 7.49 22.15 18.30
C SER C 110 8.79 22.80 17.91
N SER C 111 9.94 22.29 18.38
CA SER C 111 11.23 22.87 18.05
C SER C 111 12.15 22.05 17.13
N TYR C 112 11.79 20.82 16.73
CA TYR C 112 12.67 20.07 15.85
C TYR C 112 11.86 19.47 14.71
N CYS C 113 12.32 19.68 13.47
CA CYS C 113 11.86 18.90 12.32
C CYS C 113 13.08 18.33 11.64
N MET C 114 12.93 17.13 11.12
CA MET C 114 14.03 16.50 10.41
C MET C 114 14.30 17.19 9.07
N GLY C 115 15.56 17.12 8.63
CA GLY C 115 15.92 17.58 7.30
C GLY C 115 16.82 18.79 7.29
N PRO C 116 17.30 19.15 6.08
CA PRO C 116 18.27 20.26 6.00
C PRO C 116 17.60 21.62 6.32
N THR C 117 18.35 22.51 6.98
CA THR C 117 17.87 23.87 7.19
C THR C 117 18.88 24.79 6.54
N VAL C 118 18.41 26.00 6.21
CA VAL C 118 19.27 26.96 5.56
C VAL C 118 20.42 27.33 6.48
N THR C 119 21.52 27.76 5.86
CA THR C 119 22.74 28.08 6.62
C THR C 119 22.52 29.20 7.64
N ASN C 120 21.87 30.27 7.20
CA ASN C 120 21.70 31.43 8.09
C ASN C 120 20.51 32.25 7.62
N LEU C 121 20.30 33.40 8.23
CA LEU C 121 19.14 34.30 7.95
C LEU C 121 19.06 34.74 6.49
N GLU C 122 20.16 34.82 5.78
CA GLU C 122 20.15 35.20 4.36
C GLU C 122 20.35 33.99 3.45
N SER C 123 20.45 32.77 3.98
CA SER C 123 20.67 31.56 3.17
C SER C 123 21.93 31.69 2.31
N ASP C 124 23.03 32.12 2.92
CA ASP C 124 24.29 32.36 2.18
C ASP C 124 24.85 31.09 1.54
N ALA D 1 29.48 -14.94 9.04
CA ALA D 1 28.48 -13.92 9.38
C ALA D 1 27.97 -13.27 8.10
N MET D 2 26.80 -12.66 8.17
CA MET D 2 26.21 -12.01 7.00
C MET D 2 26.91 -10.68 6.67
N ALA D 3 27.42 -10.57 5.44
CA ALA D 3 28.04 -9.32 5.01
C ALA D 3 27.05 -8.18 5.16
N ASP D 4 27.53 -7.08 5.76
CA ASP D 4 26.79 -5.82 5.97
C ASP D 4 25.79 -5.91 7.12
N TYR D 5 25.85 -6.97 7.97
CA TYR D 5 24.97 -7.12 9.12
C TYR D 5 25.72 -7.01 10.45
N ASP D 6 26.92 -6.50 10.44
CA ASP D 6 27.75 -6.46 11.63
C ASP D 6 27.56 -5.20 12.46
N THR D 7 26.88 -4.20 11.97
CA THR D 7 26.72 -2.90 12.60
C THR D 7 25.24 -2.60 12.76
N TYR D 8 24.77 -2.44 14.00
CA TYR D 8 23.37 -2.26 14.25
C TYR D 8 23.20 -1.56 15.60
N VAL D 9 21.99 -1.03 15.83
CA VAL D 9 21.57 -0.52 17.15
C VAL D 9 20.22 -1.17 17.48
N SER D 10 20.04 -1.64 18.71
CA SER D 10 18.87 -2.43 19.09
C SER D 10 17.96 -1.68 20.03
N ASN D 11 16.69 -2.06 19.97
CA ASN D 11 15.68 -1.58 20.89
C ASN D 11 15.55 -0.08 20.83
N VAL D 12 15.62 0.43 19.62
CA VAL D 12 15.40 1.86 19.35
C VAL D 12 13.99 2.05 18.83
N GLN D 13 13.58 3.30 18.68
CA GLN D 13 12.30 3.61 18.06
C GLN D 13 12.55 4.60 16.95
N ILE D 14 11.81 4.45 15.86
CA ILE D 14 11.91 5.41 14.77
C ILE D 14 10.99 6.57 15.18
N ASN D 15 11.57 7.73 15.51
CA ASN D 15 10.75 8.86 15.96
C ASN D 15 10.70 10.00 14.96
N ASN D 16 11.35 9.85 13.80
CA ASN D 16 11.24 10.85 12.74
C ASN D 16 11.50 10.18 11.41
N LEU D 17 10.92 10.76 10.34
CA LEU D 17 11.05 10.18 9.01
C LEU D 17 11.12 11.32 8.01
N SER D 18 11.99 11.20 7.01
CA SER D 18 12.03 12.14 5.89
C SER D 18 11.91 11.37 4.60
N TYR D 19 11.15 11.89 3.63
CA TYR D 19 11.08 11.30 2.31
C TYR D 19 11.13 12.44 1.30
N GLY D 20 11.98 12.32 0.30
CA GLY D 20 12.03 13.38 -0.70
C GLY D 20 12.66 12.96 -2.01
N VAL D 21 12.60 13.89 -2.95
CA VAL D 21 13.22 13.72 -4.26
C VAL D 21 14.31 14.78 -4.39
N TYR D 22 15.38 14.44 -5.10
CA TYR D 22 16.60 15.25 -4.99
C TYR D 22 17.56 14.87 -6.12
N THR D 23 18.20 15.85 -6.71
CA THR D 23 19.25 15.60 -7.70
C THR D 23 20.59 15.49 -6.99
N SER D 24 21.26 14.35 -7.15
CA SER D 24 22.53 14.11 -6.46
C SER D 24 23.54 13.56 -7.46
N GLY D 25 24.69 14.20 -7.56
CA GLY D 25 25.72 13.70 -8.47
C GLY D 25 25.24 13.56 -9.90
N GLY D 26 24.39 14.46 -10.36
CA GLY D 26 23.89 14.39 -11.75
C GLY D 26 22.83 13.32 -11.99
N LYS D 27 22.21 12.80 -10.94
CA LYS D 27 21.18 11.75 -11.09
C LYS D 27 19.94 12.13 -10.28
N GLU D 28 18.77 11.82 -10.81
CA GLU D 28 17.48 12.06 -10.12
C GLU D 28 17.28 10.96 -9.08
N THR D 29 17.12 11.33 -7.82
CA THR D 29 17.00 10.31 -6.78
C THR D 29 15.70 10.49 -6.02
N GLN D 30 15.29 9.42 -5.37
CA GLN D 30 14.41 9.47 -4.23
C GLN D 30 15.25 9.05 -3.02
N PHE D 31 14.94 9.58 -1.85
CA PHE D 31 15.59 9.08 -0.64
C PHE D 31 14.60 9.09 0.48
N PHE D 32 14.90 8.27 1.51
CA PHE D 32 14.27 8.48 2.77
C PHE D 32 15.30 8.28 3.86
N CYS D 33 15.02 8.88 5.01
CA CYS D 33 15.92 8.79 6.15
C CYS D 33 15.09 8.59 7.39
N ILE D 34 15.58 7.78 8.33
CA ILE D 34 14.90 7.57 9.59
C ILE D 34 15.70 8.25 10.70
N GLY D 35 15.01 8.85 11.65
CA GLY D 35 15.59 9.35 12.87
C GLY D 35 15.16 8.49 14.05
N LEU D 36 16.12 8.24 14.94
CA LEU D 36 15.94 7.27 16.00
C LEU D 36 15.98 7.94 17.38
N LYS D 37 15.28 7.33 18.34
CA LYS D 37 15.45 7.57 19.76
C LYS D 37 15.61 6.24 20.45
N HIS D 38 16.07 6.26 21.68
CA HIS D 38 16.10 5.06 22.53
C HIS D 38 15.52 5.52 23.84
N GLY D 39 14.19 5.54 23.95
CA GLY D 39 13.59 6.14 25.14
C GLY D 39 14.12 7.52 25.37
N SER D 40 14.60 7.77 26.61
CA SER D 40 15.16 9.05 27.01
C SER D 40 16.69 9.07 26.98
N GLU D 41 17.32 8.00 26.51
CA GLU D 41 18.77 7.92 26.51
C GLU D 41 19.35 8.79 25.38
N ALA D 42 20.52 9.41 25.62
CA ALA D 42 21.21 10.21 24.60
C ALA D 42 21.90 9.29 23.61
N ILE D 43 21.50 9.37 22.35
CA ILE D 43 22.12 8.60 21.27
C ILE D 43 22.75 9.53 20.24
N SER D 44 23.93 9.15 19.75
CA SER D 44 24.61 9.92 18.71
C SER D 44 24.42 9.29 17.33
N ILE D 45 24.22 7.99 17.28
CA ILE D 45 24.05 7.26 16.02
C ILE D 45 22.55 7.23 15.78
N ASN D 46 22.02 8.27 15.20
CA ASN D 46 20.57 8.42 15.29
C ASN D 46 19.88 8.72 13.96
N ALA D 47 20.54 8.54 12.80
CA ALA D 47 19.92 8.79 11.51
C ALA D 47 20.53 7.85 10.44
N MET D 48 19.72 7.32 9.54
CA MET D 48 20.17 6.32 8.55
C MET D 48 19.28 6.52 7.32
N CYS D 49 19.84 6.36 6.15
CA CYS D 49 19.10 6.71 4.93
C CYS D 49 19.22 5.64 3.86
N LYS D 50 18.26 5.66 2.91
CA LYS D 50 18.34 4.79 1.77
C LYS D 50 17.99 5.62 0.54
N VAL D 51 18.64 5.35 -0.55
CA VAL D 51 18.53 6.14 -1.76
C VAL D 51 18.23 5.19 -2.91
N ASP D 52 17.31 5.54 -3.79
CA ASP D 52 16.84 4.54 -4.76
C ASP D 52 17.89 4.17 -5.79
N VAL D 53 18.78 5.08 -6.19
CA VAL D 53 19.70 4.85 -7.29
C VAL D 53 21.16 4.89 -6.87
N TYR D 54 21.43 4.99 -5.57
CA TYR D 54 22.81 4.97 -5.09
C TYR D 54 22.86 4.02 -3.89
N GLY D 55 24.07 3.61 -3.53
CA GLY D 55 24.29 2.83 -2.33
C GLY D 55 24.80 1.45 -2.65
N ASN D 56 25.19 0.76 -1.59
CA ASN D 56 25.65 -0.62 -1.73
C ASN D 56 24.54 -1.56 -2.14
N HIS D 57 23.29 -1.24 -1.81
CA HIS D 57 22.15 -2.12 -2.12
C HIS D 57 21.02 -1.20 -2.60
N LYS D 58 20.85 -1.11 -3.93
CA LYS D 58 19.83 -0.22 -4.48
C LYS D 58 18.45 -0.83 -4.47
N GLN D 59 18.34 -2.17 -4.40
CA GLN D 59 17.07 -2.84 -4.36
C GLN D 59 16.31 -2.51 -3.08
N GLY D 60 15.01 -2.70 -3.13
CA GLY D 60 14.16 -2.64 -1.96
C GLY D 60 13.84 -1.25 -1.45
N PHE D 61 13.91 -0.24 -2.30
CA PHE D 61 13.61 1.13 -1.82
C PHE D 61 12.17 1.22 -1.28
N ASP D 62 11.19 0.84 -2.08
CA ASP D 62 9.77 0.96 -1.67
C ASP D 62 9.47 0.10 -0.43
N ASN D 63 9.95 -1.14 -0.45
CA ASN D 63 9.70 -2.06 0.68
C ASN D 63 10.38 -1.54 1.94
N MET D 64 11.59 -1.00 1.85
CA MET D 64 12.23 -0.45 3.06
C MET D 64 11.50 0.81 3.53
N LEU D 65 11.07 1.68 2.60
CA LEU D 65 10.33 2.87 2.98
C LEU D 65 9.05 2.50 3.68
N ASN D 66 8.30 1.53 3.12
CA ASN D 66 7.04 1.19 3.75
C ASN D 66 7.25 0.54 5.13
N THR D 67 8.32 -0.20 5.27
CA THR D 67 8.66 -0.81 6.56
C THR D 67 9.01 0.27 7.59
N ALA D 68 9.85 1.26 7.21
CA ALA D 68 10.21 2.36 8.10
C ALA D 68 8.98 3.16 8.51
N LYS D 69 8.08 3.42 7.55
CA LYS D 69 6.87 4.15 7.87
C LYS D 69 6.00 3.38 8.85
N TYR D 70 5.90 2.06 8.68
CA TYR D 70 5.12 1.28 9.62
C TYR D 70 5.61 1.46 11.07
N TYR D 71 6.92 1.33 11.30
CA TYR D 71 7.41 1.40 12.68
C TYR D 71 7.40 2.82 13.23
N TYR D 72 7.47 3.80 12.34
CA TYR D 72 7.22 5.17 12.79
C TYR D 72 5.79 5.30 13.32
N THR D 73 4.83 4.66 12.63
CA THR D 73 3.46 4.70 13.11
C THR D 73 3.30 3.99 14.46
N THR D 74 3.85 2.79 14.61
CA THR D 74 3.62 2.08 15.85
C THR D 74 4.46 2.58 17.01
N GLY D 75 5.63 3.17 16.74
CA GLY D 75 6.58 3.51 17.78
C GLY D 75 7.22 2.32 18.46
N GLY D 76 7.09 1.14 17.86
CA GLY D 76 7.59 -0.07 18.51
C GLY D 76 9.09 -0.15 18.48
N ASP D 77 9.62 -1.01 19.33
CA ASP D 77 11.06 -1.23 19.41
C ASP D 77 11.54 -2.06 18.20
N VAL D 78 12.64 -1.60 17.58
CA VAL D 78 13.24 -2.21 16.40
C VAL D 78 14.75 -2.25 16.56
N ARG D 79 15.39 -3.12 15.76
CA ARG D 79 16.82 -3.10 15.52
C ARG D 79 17.08 -2.61 14.11
N ILE D 80 18.04 -1.67 13.99
CA ILE D 80 18.42 -1.07 12.71
C ILE D 80 19.80 -1.57 12.39
N TYR D 81 19.94 -2.27 11.24
CA TYR D 81 21.25 -2.60 10.69
C TYR D 81 21.60 -1.54 9.68
N TYR D 82 22.84 -1.06 9.72
CA TYR D 82 23.26 0.04 8.85
C TYR D 82 24.72 -0.10 8.51
N LYS D 83 25.16 0.66 7.51
CA LYS D 83 26.54 0.68 7.09
C LYS D 83 27.07 2.10 7.15
N GLU D 84 28.22 2.32 7.78
CA GLU D 84 28.79 3.65 7.91
C GLU D 84 29.51 4.08 6.65
N ASN D 85 29.59 5.38 6.46
CA ASN D 85 30.51 5.99 5.49
C ASN D 85 30.08 5.66 4.06
N VAL D 86 28.80 5.65 3.75
CA VAL D 86 28.37 5.33 2.40
C VAL D 86 28.12 6.59 1.56
N TRP D 87 27.30 7.51 2.06
CA TRP D 87 26.89 8.70 1.26
C TRP D 87 28.05 9.69 1.13
N ARG D 88 28.39 10.03 -0.11
CA ARG D 88 29.55 10.93 -0.36
C ARG D 88 29.10 12.29 -0.85
N ASP D 89 27.81 12.46 -1.11
CA ASP D 89 27.28 13.80 -1.47
C ASP D 89 27.41 14.64 -0.20
N PRO D 90 28.27 15.67 -0.16
CA PRO D 90 28.51 16.39 1.06
C PRO D 90 27.29 17.13 1.63
N ASP D 91 26.45 17.64 0.76
CA ASP D 91 25.21 18.33 1.18
C ASP D 91 24.23 17.33 1.82
N PHE D 92 24.13 16.15 1.21
CA PHE D 92 23.23 15.11 1.75
C PHE D 92 23.74 14.60 3.10
N LYS D 93 25.03 14.33 3.15
CA LYS D 93 25.65 13.78 4.39
C LYS D 93 25.51 14.79 5.52
N SER D 94 25.70 16.07 5.22
CA SER D 94 25.57 17.11 6.26
C SER D 94 24.13 17.22 6.75
N ALA D 95 23.18 17.07 5.85
CA ALA D 95 21.79 17.23 6.24
C ALA D 95 21.27 16.03 7.02
N PHE D 96 21.81 14.82 6.73
CA PHE D 96 21.31 13.55 7.31
C PHE D 96 22.49 12.82 7.96
N SER D 97 23.07 11.85 7.26
CA SER D 97 24.31 11.23 7.71
C SER D 97 24.86 10.49 6.50
N SER D 98 25.99 9.84 6.75
CA SER D 98 26.61 8.99 5.76
C SER D 98 26.08 7.56 5.81
N ARG D 99 25.16 7.23 6.69
CA ARG D 99 24.85 5.83 6.95
C ARG D 99 23.77 5.31 6.01
N GLU D 100 23.99 4.11 5.44
CA GLU D 100 23.00 3.43 4.61
C GLU D 100 22.22 2.43 5.44
N LEU D 101 20.89 2.50 5.34
CA LEU D 101 20.01 1.59 6.03
C LEU D 101 20.03 0.26 5.30
N ILE D 102 20.28 -0.84 6.03
CA ILE D 102 20.42 -2.20 5.50
C ILE D 102 19.21 -3.06 5.85
N ALA D 103 18.70 -2.95 7.09
CA ALA D 103 17.61 -3.83 7.52
C ALA D 103 16.93 -3.26 8.74
N ILE D 104 15.68 -3.63 8.93
CA ILE D 104 14.87 -3.27 10.11
C ILE D 104 14.23 -4.54 10.62
N THR D 105 14.48 -4.87 11.85
CA THR D 105 13.85 -6.06 12.47
C THR D 105 13.10 -5.63 13.72
N THR D 106 12.12 -6.40 14.15
CA THR D 106 11.39 -6.06 15.35
C THR D 106 12.02 -6.61 16.60
N CYS D 107 11.70 -5.96 17.72
CA CYS D 107 12.09 -6.47 19.02
C CYS D 107 10.85 -6.78 19.82
N SER D 108 10.72 -8.04 20.19
CA SER D 108 9.58 -8.48 20.99
C SER D 108 9.84 -8.42 22.49
N SER D 109 11.07 -8.17 22.93
CA SER D 109 11.33 -7.95 24.34
C SER D 109 12.57 -7.08 24.42
N SER D 110 12.90 -6.73 25.66
CA SER D 110 14.10 -5.99 25.98
C SER D 110 15.35 -6.75 25.61
N SER D 111 15.23 -8.07 25.44
CA SER D 111 16.37 -8.90 25.19
C SER D 111 16.38 -9.58 23.83
N TYR D 112 15.33 -9.44 23.02
CA TYR D 112 15.31 -10.13 21.75
C TYR D 112 14.83 -9.18 20.65
N CYS D 113 15.64 -9.11 19.61
CA CYS D 113 15.20 -8.60 18.32
C CYS D 113 15.61 -9.63 17.28
N MET D 114 14.85 -9.73 16.20
CA MET D 114 15.23 -10.73 15.21
C MET D 114 16.52 -10.33 14.53
N GLY D 115 17.25 -11.31 14.04
CA GLY D 115 18.41 -11.10 13.22
C GLY D 115 19.71 -11.38 13.95
N PRO D 116 20.81 -11.40 13.20
CA PRO D 116 22.10 -11.79 13.77
C PRO D 116 22.67 -10.74 14.71
N THR D 117 23.43 -11.18 15.72
CA THR D 117 24.06 -10.22 16.62
C THR D 117 25.56 -10.29 16.65
N VAL D 118 26.14 -11.24 15.97
CA VAL D 118 27.60 -11.29 16.00
C VAL D 118 28.23 -10.03 15.41
N ALA E 1 -10.48 27.42 -17.80
CA ALA E 1 -10.55 26.37 -16.78
C ALA E 1 -9.84 25.08 -17.19
N MET E 2 -9.56 24.22 -16.21
CA MET E 2 -8.95 22.93 -16.49
C MET E 2 -9.89 21.99 -17.22
N ALA E 3 -9.42 21.48 -18.36
CA ALA E 3 -10.21 20.54 -19.12
C ALA E 3 -10.63 19.35 -18.27
N ASP E 4 -11.91 19.00 -18.33
CA ASP E 4 -12.50 17.86 -17.61
C ASP E 4 -12.76 18.14 -16.14
N TYR E 5 -12.69 19.40 -15.68
CA TYR E 5 -12.97 19.75 -14.29
C TYR E 5 -14.27 20.57 -14.13
N ASP E 6 -15.12 20.62 -15.14
CA ASP E 6 -16.27 21.50 -15.11
C ASP E 6 -17.47 20.88 -14.43
N THR E 7 -17.48 19.57 -14.18
CA THR E 7 -18.66 18.89 -13.65
C THR E 7 -18.26 18.15 -12.37
N TYR E 8 -18.87 18.51 -11.26
CA TYR E 8 -18.51 17.96 -9.98
C TYR E 8 -19.71 18.04 -9.04
N VAL E 9 -19.62 17.27 -7.96
CA VAL E 9 -20.53 17.39 -6.81
C VAL E 9 -19.67 17.55 -5.54
N SER E 10 -20.11 18.43 -4.63
CA SER E 10 -19.32 18.81 -3.48
C SER E 10 -19.96 18.35 -2.18
N ASN E 11 -19.08 18.09 -1.17
CA ASN E 11 -19.57 17.75 0.18
C ASN E 11 -20.46 16.52 0.14
N VAL E 12 -19.96 15.51 -0.55
CA VAL E 12 -20.67 14.22 -0.66
C VAL E 12 -19.84 13.17 0.09
N GLN E 13 -20.48 12.05 0.33
CA GLN E 13 -19.84 10.90 1.00
C GLN E 13 -20.00 9.67 0.11
N ILE E 14 -18.93 8.92 0.03
CA ILE E 14 -18.97 7.64 -0.71
C ILE E 14 -19.54 6.56 0.22
N ASN E 15 -20.68 5.99 -0.14
CA ASN E 15 -21.26 4.95 0.73
C ASN E 15 -21.31 3.57 0.13
N ASN E 16 -20.73 3.37 -1.05
CA ASN E 16 -20.64 2.02 -1.59
C ASN E 16 -19.48 1.99 -2.58
N LEU E 17 -18.91 0.80 -2.77
CA LEU E 17 -17.75 0.62 -3.62
C LEU E 17 -17.89 -0.72 -4.34
N SER E 18 -17.49 -0.78 -5.59
CA SER E 18 -17.43 -2.02 -6.36
C SER E 18 -16.07 -2.11 -7.02
N TYR E 19 -15.47 -3.28 -7.06
CA TYR E 19 -14.24 -3.51 -7.82
C TYR E 19 -14.39 -4.84 -8.52
N GLY E 20 -14.05 -4.90 -9.80
CA GLY E 20 -14.18 -6.17 -10.51
C GLY E 20 -13.29 -6.24 -11.73
N VAL E 21 -13.26 -7.44 -12.30
CA VAL E 21 -12.61 -7.69 -13.59
C VAL E 21 -13.70 -8.12 -14.56
N TYR E 22 -13.52 -7.75 -15.84
CA TYR E 22 -14.64 -7.82 -16.78
C TYR E 22 -14.12 -7.71 -18.21
N THR E 23 -14.66 -8.48 -19.12
CA THR E 23 -14.31 -8.34 -20.54
C THR E 23 -15.31 -7.37 -21.16
N SER E 24 -14.82 -6.28 -21.76
CA SER E 24 -15.70 -5.29 -22.38
C SER E 24 -15.14 -4.90 -23.74
N GLY E 25 -15.99 -4.95 -24.77
CA GLY E 25 -15.54 -4.53 -26.12
C GLY E 25 -14.32 -5.26 -26.63
N GLY E 26 -14.19 -6.55 -26.29
CA GLY E 26 -13.06 -7.35 -26.72
C GLY E 26 -11.78 -7.17 -25.93
N LYS E 27 -11.79 -6.43 -24.84
CA LYS E 27 -10.60 -6.20 -24.03
C LYS E 27 -10.86 -6.67 -22.62
N GLU E 28 -9.80 -7.19 -21.99
CA GLU E 28 -9.85 -7.51 -20.56
C GLU E 28 -9.66 -6.26 -19.70
N THR E 29 -10.59 -6.00 -18.75
CA THR E 29 -10.52 -4.74 -18.05
C THR E 29 -10.56 -5.04 -16.54
N GLN E 30 -10.12 -4.06 -15.76
CA GLN E 30 -10.47 -3.90 -14.35
C GLN E 30 -11.35 -2.65 -14.27
N PHE E 31 -12.29 -2.61 -13.33
CA PHE E 31 -13.00 -1.37 -13.09
C PHE E 31 -13.30 -1.25 -11.61
N PHE E 32 -13.53 -0.01 -11.18
CA PHE E 32 -14.16 0.17 -9.87
C PHE E 32 -15.21 1.24 -10.03
N CYS E 33 -16.18 1.24 -9.13
CA CYS E 33 -17.22 2.25 -9.11
C CYS E 33 -17.51 2.65 -7.70
N ILE E 34 -17.83 3.91 -7.54
CA ILE E 34 -18.24 4.46 -6.24
C ILE E 34 -19.69 4.86 -6.30
N GLY E 35 -20.40 4.66 -5.21
CA GLY E 35 -21.74 5.18 -5.04
C GLY E 35 -21.76 6.26 -3.98
N LEU E 36 -22.61 7.25 -4.13
CA LEU E 36 -22.65 8.38 -3.21
C LEU E 36 -23.92 8.31 -2.37
N LYS E 37 -23.78 8.81 -1.16
CA LYS E 37 -24.90 8.73 -0.24
C LYS E 37 -25.88 9.85 -0.55
N HIS E 38 -27.14 9.57 -0.40
CA HIS E 38 -28.17 10.64 -0.38
C HIS E 38 -29.02 10.60 0.87
N GLY E 39 -28.89 11.48 1.81
CA GLY E 39 -29.73 11.34 3.02
C GLY E 39 -29.53 10.02 3.75
N SER E 40 -30.61 9.34 4.07
CA SER E 40 -30.53 8.08 4.85
C SER E 40 -30.82 6.86 3.96
N GLU E 41 -30.90 7.08 2.67
CA GLU E 41 -31.22 5.97 1.76
C GLU E 41 -30.06 4.97 1.70
N ALA E 42 -30.40 3.69 1.59
CA ALA E 42 -29.34 2.67 1.45
C ALA E 42 -28.82 2.69 0.01
N ILE E 43 -29.71 2.91 -0.93
CA ILE E 43 -29.30 2.84 -2.34
C ILE E 43 -28.50 4.09 -2.72
N SER E 44 -27.32 3.90 -3.29
CA SER E 44 -26.49 5.02 -3.66
C SER E 44 -27.04 5.72 -4.89
N ILE E 45 -26.68 6.99 -5.02
CA ILE E 45 -26.98 7.79 -6.19
C ILE E 45 -25.67 8.18 -6.87
N ASN E 46 -25.78 8.64 -8.10
CA ASN E 46 -24.69 9.31 -8.82
C ASN E 46 -23.41 8.45 -8.87
N ALA E 47 -23.57 7.17 -9.23
CA ALA E 47 -22.41 6.29 -9.27
C ALA E 47 -21.44 6.79 -10.34
N MET E 48 -20.16 6.55 -10.13
CA MET E 48 -19.12 7.02 -11.04
C MET E 48 -18.08 5.93 -11.08
N CYS E 49 -17.44 5.71 -12.22
CA CYS E 49 -16.55 4.56 -12.37
C CYS E 49 -15.26 4.93 -13.05
N LYS E 50 -14.27 4.07 -12.93
CA LYS E 50 -13.02 4.21 -13.65
C LYS E 50 -12.64 2.82 -14.16
N VAL E 51 -12.04 2.78 -15.34
CA VAL E 51 -11.74 1.53 -16.03
C VAL E 51 -10.28 1.61 -16.45
N ASP E 52 -9.52 0.53 -16.26
CA ASP E 52 -8.08 0.63 -16.47
C ASP E 52 -7.67 0.83 -17.91
N VAL E 53 -8.41 0.31 -18.86
CA VAL E 53 -8.00 0.27 -20.27
C VAL E 53 -8.92 1.05 -21.19
N TYR E 54 -9.91 1.75 -20.61
CA TYR E 54 -10.85 2.58 -21.39
C TYR E 54 -11.02 3.90 -20.68
N GLY E 55 -11.57 4.86 -21.38
CA GLY E 55 -11.92 6.14 -20.79
C GLY E 55 -11.12 7.26 -21.41
N ASN E 56 -11.48 8.46 -20.94
CA ASN E 56 -10.73 9.63 -21.36
C ASN E 56 -9.36 9.71 -20.71
N HIS E 57 -9.18 9.04 -19.56
CA HIS E 57 -7.92 9.03 -18.83
C HIS E 57 -7.70 7.63 -18.29
N LYS E 58 -6.85 6.88 -18.93
CA LYS E 58 -6.61 5.52 -18.50
C LYS E 58 -5.61 5.44 -17.34
N GLN E 59 -4.79 6.49 -17.15
CA GLN E 59 -3.79 6.51 -16.10
C GLN E 59 -4.45 6.64 -14.74
N GLY E 60 -3.69 6.26 -13.71
CA GLY E 60 -4.13 6.51 -12.35
C GLY E 60 -5.15 5.53 -11.82
N PHE E 61 -5.30 4.35 -12.45
CA PHE E 61 -6.32 3.41 -11.97
C PHE E 61 -6.07 3.01 -10.51
N ASP E 62 -4.86 2.55 -10.18
CA ASP E 62 -4.62 2.08 -8.82
C ASP E 62 -4.70 3.22 -7.82
N ASN E 63 -4.11 4.40 -8.17
CA ASN E 63 -4.15 5.52 -7.23
C ASN E 63 -5.58 5.99 -7.02
N MET E 64 -6.39 6.03 -8.10
CA MET E 64 -7.77 6.46 -7.91
C MET E 64 -8.57 5.45 -7.10
N LEU E 65 -8.31 4.14 -7.33
CA LEU E 65 -8.98 3.12 -6.52
C LEU E 65 -8.63 3.25 -5.06
N ASN E 66 -7.36 3.47 -4.76
CA ASN E 66 -6.96 3.53 -3.36
C ASN E 66 -7.50 4.79 -2.68
N THR E 67 -7.62 5.88 -3.45
CA THR E 67 -8.20 7.12 -2.93
C THR E 67 -9.69 6.92 -2.64
N ALA E 68 -10.42 6.30 -3.58
CA ALA E 68 -11.83 6.05 -3.34
C ALA E 68 -12.03 5.15 -2.12
N LYS E 69 -11.24 4.06 -2.01
CA LYS E 69 -11.36 3.16 -0.87
C LYS E 69 -11.09 3.93 0.43
N TYR E 70 -10.13 4.85 0.42
CA TYR E 70 -9.82 5.64 1.61
C TYR E 70 -11.04 6.43 2.10
N TYR E 71 -11.70 7.19 1.19
CA TYR E 71 -12.84 8.00 1.61
C TYR E 71 -14.09 7.19 1.91
N TYR E 72 -14.22 6.01 1.27
CA TYR E 72 -15.28 5.08 1.71
C TYR E 72 -15.05 4.64 3.16
N THR E 73 -13.80 4.40 3.52
CA THR E 73 -13.47 4.02 4.91
C THR E 73 -13.74 5.14 5.91
N THR E 74 -13.31 6.37 5.60
CA THR E 74 -13.43 7.48 6.57
C THR E 74 -14.82 8.04 6.59
N GLY E 75 -15.58 7.92 5.49
CA GLY E 75 -16.85 8.61 5.37
C GLY E 75 -16.70 10.13 5.29
N GLY E 76 -15.50 10.62 5.01
CA GLY E 76 -15.30 12.07 5.01
C GLY E 76 -15.97 12.73 3.81
N ASP E 77 -16.26 14.04 3.96
CA ASP E 77 -16.84 14.82 2.87
C ASP E 77 -15.81 15.13 1.83
N VAL E 78 -16.20 14.89 0.58
CA VAL E 78 -15.29 15.07 -0.56
C VAL E 78 -16.05 15.80 -1.67
N ARG E 79 -15.26 16.34 -2.62
CA ARG E 79 -15.76 16.80 -3.91
C ARG E 79 -15.27 15.81 -4.96
N ILE E 80 -16.20 15.35 -5.79
CA ILE E 80 -15.91 14.40 -6.87
C ILE E 80 -16.12 15.11 -8.19
N TYR E 81 -15.03 15.13 -9.00
CA TYR E 81 -15.10 15.63 -10.39
C TYR E 81 -15.28 14.42 -11.30
N TYR E 82 -16.14 14.53 -12.28
CA TYR E 82 -16.48 13.40 -13.12
C TYR E 82 -16.90 13.89 -14.50
N LYS E 83 -16.98 12.96 -15.46
CA LYS E 83 -17.41 13.26 -16.83
C LYS E 83 -18.62 12.41 -17.16
N GLU E 84 -19.64 13.02 -17.75
CA GLU E 84 -20.86 12.33 -18.08
C GLU E 84 -20.70 11.63 -19.42
N ASN E 85 -21.48 10.57 -19.61
CA ASN E 85 -21.63 10.01 -20.96
C ASN E 85 -20.34 9.43 -21.51
N VAL E 86 -19.59 8.71 -20.67
CA VAL E 86 -18.33 8.13 -21.12
C VAL E 86 -18.51 6.66 -21.49
N TRP E 87 -18.98 5.83 -20.57
CA TRP E 87 -19.03 4.36 -20.82
C TRP E 87 -20.12 4.01 -21.83
N ARG E 88 -19.75 3.28 -22.86
CA ARG E 88 -20.69 2.94 -23.96
C ARG E 88 -21.06 1.45 -23.96
N ASP E 89 -20.39 0.64 -23.14
CA ASP E 89 -20.74 -0.78 -23.07
C ASP E 89 -22.08 -0.75 -22.42
N PRO E 90 -23.31 -1.19 -23.08
CA PRO E 90 -24.66 -1.02 -22.52
C PRO E 90 -24.87 -1.85 -21.28
N ASP E 91 -24.24 -3.01 -21.15
CA ASP E 91 -24.41 -3.81 -19.94
C ASP E 91 -23.75 -3.15 -18.77
N PHE E 92 -22.59 -2.57 -18.99
CA PHE E 92 -21.88 -1.91 -17.91
C PHE E 92 -22.61 -0.66 -17.48
N LYS E 93 -23.04 0.16 -18.44
CA LYS E 93 -23.75 1.40 -18.10
C LYS E 93 -25.02 1.10 -17.31
N SER E 94 -25.76 0.05 -17.69
CA SER E 94 -26.98 -0.28 -16.97
C SER E 94 -26.67 -0.77 -15.54
N ALA E 95 -25.59 -1.53 -15.37
CA ALA E 95 -25.27 -2.14 -14.09
C ALA E 95 -24.63 -1.17 -13.12
N PHE E 96 -23.85 -0.23 -13.67
CA PHE E 96 -23.03 0.68 -12.85
C PHE E 96 -23.39 2.09 -13.26
N SER E 97 -22.66 2.74 -14.17
CA SER E 97 -23.03 4.09 -14.66
C SER E 97 -22.28 4.41 -15.95
N SER E 98 -22.58 5.57 -16.54
CA SER E 98 -21.91 6.00 -17.79
C SER E 98 -20.97 7.17 -17.50
N ARG E 99 -20.80 7.52 -16.23
CA ARG E 99 -19.91 8.63 -15.82
C ARG E 99 -18.50 8.08 -15.56
N GLU E 100 -17.47 8.92 -15.70
CA GLU E 100 -16.07 8.50 -15.48
C GLU E 100 -15.43 9.42 -14.43
N LEU E 101 -14.88 8.84 -13.36
CA LEU E 101 -14.29 9.58 -12.25
CA LEU E 101 -14.25 9.57 -12.25
C LEU E 101 -13.01 10.26 -12.72
N ILE E 102 -12.88 11.57 -12.41
CA ILE E 102 -11.75 12.40 -12.83
C ILE E 102 -10.89 12.79 -11.62
N ALA E 103 -11.50 13.12 -10.49
CA ALA E 103 -10.64 13.58 -9.38
C ALA E 103 -11.46 13.51 -8.11
N ILE E 104 -10.77 13.38 -6.97
CA ILE E 104 -11.43 13.40 -5.65
C ILE E 104 -10.63 14.37 -4.80
N THR E 105 -11.32 15.34 -4.18
CA THR E 105 -10.62 16.29 -3.32
C THR E 105 -11.36 16.36 -1.98
N THR E 106 -10.66 16.80 -0.94
CA THR E 106 -11.29 16.82 0.39
C THR E 106 -12.03 18.12 0.60
N CYS E 107 -13.02 18.08 1.51
CA CYS E 107 -13.73 19.26 1.95
C CYS E 107 -13.37 19.46 3.40
N SER E 108 -12.68 20.55 3.70
CA SER E 108 -12.30 20.76 5.10
C SER E 108 -13.39 21.47 5.87
N SER E 109 -14.40 21.97 5.19
CA SER E 109 -15.57 22.54 5.83
C SER E 109 -16.79 22.39 4.93
N SER E 110 -17.94 22.76 5.49
CA SER E 110 -19.19 22.73 4.74
C SER E 110 -19.18 23.68 3.56
N SER E 111 -18.27 24.66 3.53
CA SER E 111 -18.24 25.62 2.43
C SER E 111 -16.98 25.56 1.56
N TYR E 112 -15.98 24.74 1.92
CA TYR E 112 -14.72 24.69 1.15
C TYR E 112 -14.33 23.25 0.80
N CYS E 113 -14.12 23.03 -0.48
CA CYS E 113 -13.45 21.79 -0.93
C CYS E 113 -12.30 22.24 -1.81
N MET E 114 -11.25 21.46 -1.85
CA MET E 114 -10.12 21.84 -2.70
C MET E 114 -10.47 21.68 -4.18
N GLY E 115 -9.80 22.47 -4.98
CA GLY E 115 -9.97 22.26 -6.40
C GLY E 115 -10.76 23.36 -6.98
N PRO E 116 -10.91 23.52 -8.42
CA PRO E 116 -11.60 24.60 -9.14
C PRO E 116 -13.11 24.52 -9.06
N THR E 117 -13.76 25.68 -9.09
CA THR E 117 -15.22 25.73 -9.10
C THR E 117 -15.75 26.46 -10.33
N VAL E 118 -17.04 26.25 -10.62
CA VAL E 118 -17.75 26.91 -11.76
C VAL E 118 -18.95 27.63 -11.18
C1 GLC F . -33.86 -17.33 4.62
C2 GLC F . -33.62 -15.88 4.77
C3 GLC F . -33.50 -15.33 3.39
C4 GLC F . -32.28 -15.87 2.71
C5 GLC F . -32.26 -17.41 2.68
C6 GLC F . -30.92 -18.09 2.50
O1 GLC F . -35.04 -17.55 3.97
O2 GLC F . -34.83 -15.45 5.42
O3 GLC F . -33.59 -13.87 3.36
O4 GLC F . -32.36 -15.41 1.34
O5 GLC F . -32.71 -17.99 3.94
O6 GLC F . -29.83 -17.33 2.96
C1 GAL F . -31.02 -15.27 0.77
C2 GAL F . -31.37 -15.07 -0.65
C3 GAL F . -30.06 -14.66 -1.25
C4 GAL F . -29.68 -13.28 -0.71
C5 GAL F . -29.60 -13.40 0.82
C6 GAL F . -29.28 -12.07 1.45
O2 GAL F . -31.53 -16.43 -1.08
O3 GAL F . -30.17 -14.56 -2.73
O4 GAL F . -30.63 -12.28 -1.11
O5 GAL F . -30.89 -13.87 1.27
O6 GAL F . -29.03 -12.26 2.86
C1 SIA F . -27.81 -14.13 -3.10
C2 SIA F . -29.03 -14.96 -3.50
C3 SIA F . -29.40 -14.90 -5.01
C4 SIA F . -28.29 -15.49 -5.79
C5 SIA F . -28.01 -16.91 -5.36
C6 SIA F . -27.66 -16.92 -3.88
C7 SIA F . -27.45 -18.31 -3.32
C8 SIA F . -27.41 -18.23 -1.76
C9 SIA F . -26.89 -19.61 -1.21
C10 SIA F . -26.72 -18.66 -6.75
C11 SIA F . -25.37 -18.98 -7.44
N5 SIA F . -26.80 -17.40 -6.08
O1A SIA F . -27.74 -12.98 -3.69
O1B SIA F . -27.02 -14.53 -2.26
O4 SIA F . -28.63 -15.46 -7.22
O6 SIA F . -28.79 -16.39 -3.17
O7 SIA F . -28.58 -19.13 -3.60
O8 SIA F . -26.52 -17.18 -1.41
O9 SIA F . -26.98 -19.64 0.23
O10 SIA F . -27.69 -19.36 -6.68
C1 GAL G . -5.77 -27.24 -21.05
C2 GAL G . -5.05 -26.89 -19.78
C3 GAL G . -5.61 -27.55 -18.56
C4 GAL G . -7.12 -27.53 -18.41
C5 GAL G . -7.71 -28.08 -19.73
C6 GAL G . -9.21 -28.14 -19.70
O1 GAL G . -5.46 -26.29 -21.98
O2 GAL G . -3.70 -27.38 -19.93
O3 GAL G . -4.84 -27.30 -17.34
O4 GAL G . -7.61 -26.21 -18.13
O5 GAL G . -7.27 -27.29 -20.89
O6 GAL G . -9.69 -28.83 -20.84
C1 SIA G . -3.76 -25.11 -17.46
C2 SIA G . -4.65 -26.04 -16.65
C3 SIA G . -3.90 -26.69 -15.49
C4 SIA G . -3.68 -25.75 -14.37
C5 SIA G . -4.98 -25.09 -13.93
C6 SIA G . -5.50 -24.32 -15.14
C7 SIA G . -6.76 -23.53 -14.87
C8 SIA G . -7.31 -22.97 -16.19
C9 SIA G . -8.29 -21.82 -15.90
C10 SIA G . -5.41 -24.19 -11.66
C11 SIA G . -4.98 -23.17 -10.56
N5 SIA G . -4.65 -24.12 -12.87
O1A SIA G . -2.52 -25.48 -17.66
O1B SIA G . -4.23 -24.06 -17.95
O4 SIA G . -3.09 -26.55 -13.27
O6 SIA G . -5.85 -25.32 -16.15
O7 SIA G . -7.67 -24.46 -14.39
O8 SIA G . -6.26 -22.42 -16.92
O9 SIA G . -8.99 -21.48 -17.08
O10 SIA G . -6.28 -24.91 -11.41
C1 GLC H . 37.56 5.19 -3.83
C2 GLC H . 37.37 5.73 -5.23
C3 GLC H . 36.42 6.90 -5.09
C4 GLC H . 35.06 6.35 -4.71
C5 GLC H . 35.19 5.62 -3.38
C6 GLC H . 33.94 4.84 -3.03
O1 GLC H . 38.04 6.27 -3.02
O2 GLC H . 38.63 6.14 -5.74
O3 GLC H . 36.40 7.65 -6.30
O4 GLC H . 34.13 7.42 -4.57
O5 GLC H . 36.30 4.70 -3.35
O6 GLC H . 32.93 5.74 -2.58
C1 GAL H . 33.12 7.37 -5.59
C2 GAL H . 32.17 8.50 -5.27
C3 GAL H . 31.08 8.53 -6.29
C4 GAL H . 31.59 8.53 -7.72
C5 GAL H . 32.62 7.43 -7.88
C6 GAL H . 33.24 7.50 -9.25
O2 GAL H . 31.59 8.27 -4.01
O3 GAL H . 30.36 9.73 -6.02
O4 GAL H . 32.14 9.80 -8.06
O5 GAL H . 33.62 7.62 -6.88
O6 GAL H . 34.60 7.08 -9.18
C1 SIA H . 28.28 8.91 -7.02
C2 SIA H . 28.81 9.70 -5.81
C3 SIA H . 27.98 11.00 -5.81
C4 SIA H . 26.57 10.87 -5.27
C5 SIA H . 26.55 10.07 -3.99
C6 SIA H . 27.16 8.71 -4.28
C7 SIA H . 27.11 7.72 -3.12
C8 SIA H . 27.76 6.39 -3.43
C9 SIA H . 27.38 5.30 -2.45
C10 SIA H . 24.79 10.25 -2.30
C11 SIA H . 23.31 10.34 -2.09
N5 SIA H . 25.18 9.91 -3.52
O1A SIA H . 28.03 9.54 -8.01
O1B SIA H . 28.16 7.70 -7.03
O4 SIA H . 26.06 12.19 -5.08
O6 SIA H . 28.55 8.93 -4.61
O7 SIA H . 27.79 8.27 -2.00
O8 SIA H . 27.37 6.02 -4.73
O9 SIA H . 28.05 4.07 -2.73
O10 SIA H . 25.58 10.46 -1.41
O1 PG4 I . 13.32 -23.13 -8.33
C1 PG4 I . 12.21 -23.37 -9.17
C2 PG4 I . 11.53 -22.02 -9.38
O2 PG4 I . 12.49 -21.16 -9.96
C3 PG4 I . 12.33 -21.04 -11.34
C4 PG4 I . 13.08 -19.80 -11.82
O3 PG4 I . 14.36 -19.85 -11.26
C5 PG4 I . 15.39 -18.99 -11.71
C6 PG4 I . 16.76 -19.50 -11.26
O4 PG4 I . 16.91 -19.31 -9.85
C7 PG4 I . 18.00 -19.94 -9.22
C8 PG4 I . 18.19 -19.37 -7.81
O5 PG4 I . 17.40 -20.06 -6.83
O1 PG4 J . 15.59 -24.45 -4.54
C1 PG4 J . 16.31 -23.25 -4.60
C2 PG4 J . 16.55 -22.85 -3.15
O2 PG4 J . 17.37 -21.71 -3.01
C3 PG4 J . 18.36 -22.01 -2.09
C4 PG4 J . 19.06 -20.84 -1.38
O3 PG4 J . 20.00 -20.14 -2.14
C5 PG4 J . 20.96 -19.47 -1.38
C6 PG4 J . 20.42 -18.19 -0.75
O4 PG4 J . 20.08 -18.33 0.60
C7 PG4 J . 19.55 -17.03 1.10
C8 PG4 J . 19.24 -15.73 0.28
O5 PG4 J . 19.14 -14.57 1.09
C1 SIA K . -14.63 1.30 -27.19
C2 SIA K . -16.06 1.26 -26.70
C3 SIA K . -16.56 -0.11 -26.26
C4 SIA K . -16.22 -0.48 -24.82
C5 SIA K . -16.46 0.70 -23.88
C6 SIA K . -15.64 1.88 -24.40
C7 SIA K . -15.77 3.15 -23.56
C8 SIA K . -14.93 4.25 -24.13
C9 SIA K . -14.92 5.50 -23.26
C10 SIA K . -16.84 0.51 -21.45
C11 SIA K . -16.31 -0.02 -20.15
N5 SIA K . -16.05 0.36 -22.52
O1A SIA K . -14.24 0.42 -27.84
O1B SIA K . -13.92 2.25 -26.99
O2 SIA K . -16.88 1.71 -27.73
O4 SIA K . -17.00 -1.61 -24.44
O6 SIA K . -16.20 2.26 -25.67
O7 SIA K . -17.13 3.57 -23.57
O8 SIA K . -13.64 3.74 -24.20
O9 SIA K . -13.98 6.47 -23.71
O10 SIA K . -17.93 1.03 -21.53
#